data_3KKI
#
_entry.id   3KKI
#
_cell.length_a   70.621
_cell.length_b   177.443
_cell.length_c   70.677
_cell.angle_alpha   90.00
_cell.angle_beta   90.00
_cell.angle_gamma   90.00
#
_symmetry.space_group_name_H-M   'P 21 21 2'
#
loop_
_entity.id
_entity.type
_entity.pdbx_description
1 polymer 'CAI-1 autoinducer synthase'
2 non-polymer "PYRIDOXAL-5'-PHOSPHATE"
3 non-polymer 'MAGNESIUM ION'
4 non-polymer 'SULFATE ION'
5 non-polymer 2,3-DIHYDROXY-1,4-DITHIOBUTANE
6 water water
#
_entity_poly.entity_id   1
_entity_poly.type   'polypeptide(L)'
_entity_poly.pdbx_seq_one_letter_code
;MGSSHHHHHHSSGLVPRGSHMNKPQLPDFIQNKIDHYIENYFDINKNGKHLVLGKQASPDDIILQSNDYLALANHPLIKA
RLAKSLLEEQQSLFMSASFLQNDYDKPMIEKRLAKFTGFDECLLSQSGWNANVGLLQTICQPNTNVYIDFFAHMSLWEGA
RYANAQAHPFMHNNCDHLRMLIQRHGPGIIVVDSIYSTLGTIAPLAELVNISKEFGCALLVDESHSLGTHGPNGAGLLAE
LGLTREVHFMTASLAKTFAYRAGAIWCNNEVNRCVPFISYPAIFSSTLLPYEAAGLETTLEIIESADNRRQHLDRMARKL
RIGLSQLGLTIRSESQIIGLETGDERNTEKVRDYLESNGVFGSVFCRPATSKNKNIIRLSLNSDVNDEQIAKIIEVCSDA
VNYGDFYFR
;
_entity_poly.pdbx_strand_id   A,B
#
loop_
_chem_comp.id
_chem_comp.type
_chem_comp.name
_chem_comp.formula
DTT non-polymer 2,3-DIHYDROXY-1,4-DITHIOBUTANE 'C4 H10 O2 S2'
MG non-polymer 'MAGNESIUM ION' 'Mg 2'
PLP non-polymer PYRIDOXAL-5'-PHOSPHATE 'C8 H10 N O6 P'
SO4 non-polymer 'SULFATE ION' 'O4 S -2'
#
# COMPACT_ATOMS: atom_id res chain seq x y z
N PRO A 24 1.23 -5.40 -28.30
CA PRO A 24 2.14 -6.45 -28.75
C PRO A 24 1.91 -7.77 -28.03
N GLN A 25 2.17 -8.88 -28.72
CA GLN A 25 2.06 -10.21 -28.15
C GLN A 25 3.14 -10.43 -27.07
N LEU A 26 2.77 -11.12 -26.00
CA LEU A 26 3.72 -11.37 -24.90
C LEU A 26 4.75 -12.43 -25.25
N PRO A 27 6.02 -12.22 -24.84
CA PRO A 27 7.05 -13.24 -25.02
C PRO A 27 6.68 -14.53 -24.26
N ASP A 28 7.23 -15.65 -24.72
CA ASP A 28 6.90 -16.97 -24.17
C ASP A 28 7.04 -17.08 -22.64
N PHE A 29 8.07 -16.48 -22.07
CA PHE A 29 8.32 -16.61 -20.62
C PHE A 29 7.20 -16.03 -19.76
N ILE A 30 6.49 -15.02 -20.28
CA ILE A 30 5.30 -14.52 -19.61
C ILE A 30 4.06 -15.28 -20.08
N GLN A 31 3.86 -15.34 -21.40
CA GLN A 31 2.66 -15.96 -21.98
C GLN A 31 2.37 -17.38 -21.44
N ASN A 32 3.41 -18.20 -21.33
CA ASN A 32 3.28 -19.55 -20.77
C ASN A 32 2.71 -19.55 -19.35
N LYS A 33 3.20 -18.62 -18.51
CA LYS A 33 2.72 -18.49 -17.14
C LYS A 33 1.24 -18.11 -17.09
N ILE A 34 0.89 -17.09 -17.87
CA ILE A 34 -0.47 -16.56 -17.92
C ILE A 34 -1.44 -17.61 -18.49
N ASP A 35 -1.02 -18.31 -19.54
CA ASP A 35 -1.79 -19.40 -20.13
C ASP A 35 -2.10 -20.47 -19.09
N HIS A 36 -1.06 -20.93 -18.40
CA HIS A 36 -1.19 -21.93 -17.34
C HIS A 36 -2.08 -21.43 -16.21
N TYR A 37 -1.92 -20.16 -15.82
CA TYR A 37 -2.72 -19.59 -14.76
C TYR A 37 -4.22 -19.59 -15.11
N ILE A 38 -4.56 -19.06 -16.28
CA ILE A 38 -5.95 -19.01 -16.73
C ILE A 38 -6.58 -20.41 -16.80
N GLU A 39 -5.85 -21.36 -17.37
CA GLU A 39 -6.33 -22.75 -17.47
C GLU A 39 -6.67 -23.35 -16.11
N ASN A 40 -5.79 -23.13 -15.13
CA ASN A 40 -5.88 -23.79 -13.83
C ASN A 40 -6.62 -23.01 -12.75
N TYR A 41 -6.92 -21.75 -13.01
CA TYR A 41 -7.56 -20.89 -12.02
C TYR A 41 -8.88 -20.27 -12.49
N PHE A 42 -9.08 -20.16 -13.80
CA PHE A 42 -10.32 -19.62 -14.35
C PHE A 42 -11.14 -20.71 -15.06
N ASP A 43 -10.52 -21.37 -16.02
CA ASP A 43 -11.20 -22.31 -16.93
C ASP A 43 -11.88 -23.49 -16.24
N ILE A 44 -11.28 -23.97 -15.14
CA ILE A 44 -11.79 -25.15 -14.43
C ILE A 44 -13.11 -24.94 -13.70
N ASN A 45 -13.46 -23.69 -13.43
CA ASN A 45 -14.70 -23.39 -12.74
C ASN A 45 -15.89 -23.33 -13.71
N LYS A 46 -17.07 -23.68 -13.20
CA LYS A 46 -18.28 -23.79 -14.02
C LYS A 46 -18.62 -22.52 -14.78
N ASN A 47 -18.39 -21.37 -14.14
CA ASN A 47 -18.69 -20.07 -14.74
C ASN A 47 -17.50 -19.46 -15.50
N GLY A 48 -16.38 -20.18 -15.54
CA GLY A 48 -15.19 -19.76 -16.28
C GLY A 48 -14.42 -18.63 -15.62
N LYS A 49 -14.78 -18.32 -14.37
CA LYS A 49 -14.18 -17.21 -13.62
C LYS A 49 -13.39 -17.78 -12.45
N HIS A 50 -12.59 -16.93 -11.81
CA HIS A 50 -11.90 -17.31 -10.59
C HIS A 50 -12.91 -17.80 -9.53
N LEU A 51 -12.47 -18.73 -8.69
CA LEU A 51 -13.31 -19.31 -7.64
C LEU A 51 -14.03 -18.29 -6.74
N VAL A 52 -13.43 -17.13 -6.50
CA VAL A 52 -14.02 -16.14 -5.59
C VAL A 52 -15.23 -15.41 -6.18
N LEU A 53 -15.41 -15.52 -7.49
CA LEU A 53 -16.45 -14.77 -8.19
C LEU A 53 -17.65 -15.65 -8.48
N GLY A 54 -18.74 -15.40 -7.75
CA GLY A 54 -19.98 -16.14 -7.93
C GLY A 54 -21.00 -15.30 -8.69
N LYS A 55 -22.27 -15.42 -8.30
CA LYS A 55 -23.34 -14.67 -8.95
C LYS A 55 -23.55 -13.31 -8.27
N GLN A 56 -24.32 -12.44 -8.92
CA GLN A 56 -24.64 -11.13 -8.36
C GLN A 56 -25.75 -11.23 -7.34
N ALA A 57 -25.51 -10.63 -6.17
CA ALA A 57 -26.48 -10.64 -5.08
C ALA A 57 -27.63 -9.67 -5.35
N SER A 58 -28.79 -10.02 -4.81
CA SER A 58 -29.98 -9.17 -4.85
C SER A 58 -30.04 -8.34 -3.57
N PRO A 59 -30.84 -7.24 -3.58
CA PRO A 59 -31.01 -6.44 -2.36
C PRO A 59 -31.62 -7.21 -1.18
N ASP A 60 -32.29 -8.31 -1.46
CA ASP A 60 -32.93 -9.14 -0.43
C ASP A 60 -31.94 -10.08 0.26
N ASP A 61 -30.83 -10.37 -0.40
CA ASP A 61 -29.85 -11.37 0.06
C ASP A 61 -29.08 -10.93 1.31
N ILE A 62 -28.55 -11.92 2.02
CA ILE A 62 -27.78 -11.67 3.23
C ILE A 62 -26.31 -11.62 2.85
N ILE A 63 -25.71 -10.45 2.99
CA ILE A 63 -24.33 -10.23 2.57
C ILE A 63 -23.40 -10.21 3.78
N LEU A 64 -22.43 -11.12 3.76
CA LEU A 64 -21.54 -11.33 4.89
C LEU A 64 -20.09 -11.27 4.45
N GLN A 65 -19.74 -10.19 3.75
CA GLN A 65 -18.45 -10.08 3.05
C GLN A 65 -17.59 -8.93 3.54
N SER A 66 -18.23 -7.87 4.03
CA SER A 66 -17.51 -6.65 4.42
C SER A 66 -16.89 -6.76 5.81
N ASN A 67 -15.68 -6.21 5.97
CA ASN A 67 -15.01 -6.17 7.27
C ASN A 67 -15.48 -5.01 8.16
N ASP A 68 -16.49 -4.28 7.68
CA ASP A 68 -17.05 -3.12 8.38
C ASP A 68 -18.00 -3.64 9.49
N TYR A 69 -17.39 -4.13 10.57
CA TYR A 69 -18.11 -4.90 11.58
C TYR A 69 -19.21 -4.14 12.32
N LEU A 70 -19.05 -2.83 12.48
CA LEU A 70 -20.05 -2.04 13.19
C LEU A 70 -20.93 -1.24 12.23
N ALA A 71 -20.90 -1.62 10.94
CA ALA A 71 -21.74 -1.04 9.90
C ALA A 71 -21.67 0.48 9.86
N LEU A 72 -20.45 1.00 9.76
CA LEU A 72 -20.19 2.44 9.81
C LEU A 72 -19.93 3.08 8.44
N ALA A 73 -19.90 2.27 7.38
CA ALA A 73 -19.51 2.76 6.06
C ALA A 73 -20.40 3.92 5.57
N ASN A 74 -21.68 3.88 5.94
CA ASN A 74 -22.64 4.91 5.54
C ASN A 74 -23.10 5.78 6.72
N HIS A 75 -22.29 5.86 7.77
CA HIS A 75 -22.64 6.68 8.92
C HIS A 75 -22.69 8.16 8.52
N PRO A 76 -23.86 8.81 8.72
CA PRO A 76 -24.06 10.20 8.30
C PRO A 76 -23.06 11.19 8.91
N LEU A 77 -22.62 10.95 10.15
CA LEU A 77 -21.65 11.82 10.81
C LEU A 77 -20.22 11.68 10.30
N ILE A 78 -19.80 10.45 10.03
CA ILE A 78 -18.47 10.22 9.46
C ILE A 78 -18.37 10.86 8.07
N LYS A 79 -19.37 10.59 7.24
CA LYS A 79 -19.46 11.12 5.88
C LYS A 79 -19.41 12.65 5.90
N ALA A 80 -20.15 13.26 6.82
CA ALA A 80 -20.21 14.72 6.95
C ALA A 80 -18.86 15.33 7.37
N ARG A 81 -18.17 14.69 8.31
CA ARG A 81 -16.86 15.16 8.77
C ARG A 81 -15.80 15.07 7.68
N LEU A 82 -15.80 13.98 6.92
CA LEU A 82 -14.85 13.78 5.84
C LEU A 82 -15.07 14.78 4.70
N ALA A 83 -16.32 14.89 4.26
CA ALA A 83 -16.70 15.82 3.19
C ALA A 83 -16.35 17.26 3.54
N LYS A 84 -16.62 17.64 4.78
CA LYS A 84 -16.31 18.98 5.28
C LYS A 84 -14.80 19.26 5.29
N SER A 85 -14.02 18.32 5.82
CA SER A 85 -12.57 18.46 5.89
C SER A 85 -11.95 18.41 4.50
N LEU A 86 -12.60 17.67 3.60
CA LEU A 86 -12.19 17.55 2.20
C LEU A 86 -12.38 18.89 1.49
N LEU A 87 -13.54 19.53 1.73
CA LEU A 87 -13.90 20.78 1.07
C LEU A 87 -13.10 21.99 1.57
N GLU A 88 -12.44 21.85 2.72
CA GLU A 88 -11.56 22.89 3.25
C GLU A 88 -10.34 23.10 2.35
N GLU A 89 -9.64 24.22 2.58
CA GLU A 89 -8.44 24.53 1.81
C GLU A 89 -7.34 23.51 2.05
N GLN A 90 -7.03 22.74 1.02
CA GLN A 90 -6.08 21.64 1.11
C GLN A 90 -4.66 22.09 0.78
N GLN A 91 -3.73 21.67 1.63
CA GLN A 91 -2.30 21.85 1.35
C GLN A 91 -1.82 20.74 0.42
N SER A 92 -0.86 21.07 -0.44
CA SER A 92 -0.34 20.11 -1.40
C SER A 92 0.74 19.23 -0.76
N LEU A 93 0.29 18.19 -0.06
CA LEU A 93 1.19 17.30 0.67
C LEU A 93 1.30 15.93 0.00
N PHE A 94 1.67 15.94 -1.27
CA PHE A 94 1.86 14.69 -2.01
C PHE A 94 3.34 14.33 -2.07
N MET A 95 3.74 13.59 -1.05
CA MET A 95 5.13 13.26 -0.80
C MET A 95 5.18 12.15 0.25
N SER A 96 6.39 11.69 0.53
CA SER A 96 6.65 10.73 1.60
C SER A 96 6.32 11.33 2.96
N ALA A 97 5.81 10.50 3.87
CA ALA A 97 5.55 10.91 5.25
C ALA A 97 6.84 11.15 6.05
N SER A 98 7.97 10.69 5.52
CA SER A 98 9.27 10.92 6.16
C SER A 98 9.60 12.42 6.23
N PHE A 99 9.11 13.18 5.25
CA PHE A 99 9.24 14.63 5.23
C PHE A 99 8.28 15.32 6.21
N LEU A 100 7.29 14.57 6.72
CA LEU A 100 6.25 15.13 7.57
C LEU A 100 6.33 14.65 9.03
N GLN A 101 7.55 14.43 9.51
CA GLN A 101 7.75 13.85 10.85
C GLN A 101 8.07 14.86 11.95
N ASN A 102 8.01 16.15 11.62
CA ASN A 102 8.09 17.20 12.64
C ASN A 102 6.82 17.17 13.51
N ASP A 103 6.97 17.55 14.77
CA ASP A 103 5.85 17.55 15.72
C ASP A 103 4.63 18.35 15.25
N TYR A 104 4.88 19.41 14.47
CA TYR A 104 3.82 20.25 13.93
C TYR A 104 3.14 19.65 12.69
N ASP A 105 3.75 18.62 12.11
CA ASP A 105 3.19 17.95 10.93
C ASP A 105 2.51 16.63 11.26
N LYS A 106 2.65 16.17 12.50
CA LYS A 106 2.08 14.90 12.95
C LYS A 106 0.64 15.07 13.46
N PRO A 107 -0.29 14.23 12.97
CA PRO A 107 -1.73 14.41 13.22
C PRO A 107 -2.21 14.09 14.64
N MET A 108 -3.28 14.77 15.05
CA MET A 108 -3.91 14.60 16.36
C MET A 108 -4.47 13.17 16.55
N ILE A 109 -4.87 12.54 15.46
CA ILE A 109 -5.43 11.18 15.49
C ILE A 109 -4.44 10.16 16.09
N GLU A 110 -3.15 10.36 15.83
CA GLU A 110 -2.12 9.45 16.37
C GLU A 110 -2.05 9.49 17.89
N LYS A 111 -2.11 10.70 18.46
CA LYS A 111 -2.14 10.86 19.91
C LYS A 111 -3.41 10.26 20.52
N ARG A 112 -4.54 10.46 19.84
CA ARG A 112 -5.83 9.94 20.30
C ARG A 112 -5.90 8.41 20.23
N LEU A 113 -5.39 7.82 19.15
CA LEU A 113 -5.38 6.36 18.99
C LEU A 113 -4.47 5.68 20.02
N ALA A 114 -3.36 6.33 20.36
CA ALA A 114 -2.46 5.84 21.41
C ALA A 114 -3.16 5.81 22.78
N LYS A 115 -3.84 6.91 23.12
CA LYS A 115 -4.64 6.98 24.36
C LYS A 115 -5.76 5.94 24.37
N PHE A 116 -6.39 5.76 23.21
CA PHE A 116 -7.49 4.82 23.03
C PHE A 116 -7.10 3.39 23.43
N THR A 117 -5.99 2.92 22.89
CA THR A 117 -5.54 1.55 23.10
C THR A 117 -4.70 1.40 24.37
N GLY A 118 -4.19 2.51 24.88
CA GLY A 118 -3.34 2.50 26.07
C GLY A 118 -1.86 2.31 25.74
N PHE A 119 -1.53 2.24 24.45
CA PHE A 119 -0.14 2.16 24.01
C PHE A 119 0.50 3.55 24.03
N ASP A 120 1.82 3.57 24.19
CA ASP A 120 2.55 4.84 24.33
C ASP A 120 2.47 5.75 23.11
N GLU A 121 2.69 5.18 21.92
CA GLU A 121 2.77 5.95 20.69
C GLU A 121 2.08 5.24 19.52
N CYS A 122 1.49 6.04 18.63
CA CYS A 122 0.85 5.51 17.43
C CYS A 122 1.37 6.21 16.19
N LEU A 123 1.55 5.44 15.11
CA LEU A 123 1.98 5.97 13.82
C LEU A 123 1.01 5.52 12.73
N LEU A 124 0.49 6.47 11.97
CA LEU A 124 -0.42 6.15 10.86
C LEU A 124 0.34 5.59 9.67
N SER A 125 -0.31 4.66 8.96
CA SER A 125 0.22 4.06 7.75
C SER A 125 -0.88 4.06 6.69
N GLN A 126 -0.51 3.75 5.45
CA GLN A 126 -1.44 3.81 4.31
C GLN A 126 -2.39 2.62 4.26
N SER A 127 -2.04 1.56 5.00
CA SER A 127 -2.83 0.33 5.06
C SER A 127 -2.34 -0.52 6.24
N GLY A 128 -3.15 -1.48 6.66
CA GLY A 128 -2.71 -2.46 7.67
C GLY A 128 -1.54 -3.28 7.15
N TRP A 129 -1.60 -3.63 5.86
CA TRP A 129 -0.50 -4.31 5.16
C TRP A 129 0.81 -3.54 5.35
N ASN A 130 0.78 -2.24 5.04
CA ASN A 130 1.95 -1.37 5.22
C ASN A 130 2.41 -1.22 6.67
N ALA A 131 1.45 -1.22 7.61
CA ALA A 131 1.76 -1.17 9.03
C ALA A 131 2.64 -2.36 9.43
N ASN A 132 2.24 -3.55 9.02
CA ASN A 132 2.97 -4.78 9.35
C ASN A 132 4.30 -4.88 8.63
N VAL A 133 4.29 -4.62 7.33
CA VAL A 133 5.51 -4.65 6.50
C VAL A 133 6.56 -3.65 7.04
N GLY A 134 6.11 -2.44 7.33
CA GLY A 134 6.98 -1.37 7.85
C GLY A 134 7.56 -1.65 9.22
N LEU A 135 6.71 -2.08 10.15
CA LEU A 135 7.16 -2.40 11.50
C LEU A 135 8.21 -3.51 11.47
N LEU A 136 7.92 -4.58 10.74
CA LEU A 136 8.83 -5.71 10.65
C LEU A 136 10.16 -5.33 10.01
N GLN A 137 10.13 -4.47 9.00
CA GLN A 137 11.37 -3.95 8.42
C GLN A 137 12.20 -3.15 9.43
N THR A 138 11.52 -2.42 10.30
CA THR A 138 12.18 -1.57 11.30
C THR A 138 12.80 -2.37 12.45
N ILE A 139 12.09 -3.39 12.94
CA ILE A 139 12.54 -4.12 14.13
C ILE A 139 13.29 -5.43 13.82
N CYS A 140 13.29 -5.82 12.55
CA CYS A 140 13.99 -7.03 12.12
C CYS A 140 15.35 -6.73 11.53
N GLN A 141 16.30 -7.61 11.83
CA GLN A 141 17.58 -7.65 11.14
C GLN A 141 17.57 -8.92 10.31
N PRO A 142 18.49 -9.05 9.33
CA PRO A 142 18.57 -10.33 8.64
C PRO A 142 18.75 -11.48 9.64
N ASN A 143 18.06 -12.59 9.39
CA ASN A 143 18.06 -13.78 10.27
C ASN A 143 17.46 -13.62 11.67
N THR A 144 16.79 -12.49 11.92
CA THR A 144 16.03 -12.36 13.16
C THR A 144 15.03 -13.51 13.21
N ASN A 145 14.91 -14.16 14.37
CA ASN A 145 13.90 -15.19 14.56
C ASN A 145 12.51 -14.57 14.61
N VAL A 146 11.65 -15.00 13.69
CA VAL A 146 10.25 -14.59 13.71
C VAL A 146 9.36 -15.81 13.89
N TYR A 147 8.78 -15.93 15.09
CA TYR A 147 7.90 -17.04 15.42
C TYR A 147 6.47 -16.65 15.09
N ILE A 148 5.97 -17.20 14.00
CA ILE A 148 4.70 -16.76 13.43
C ILE A 148 3.67 -17.89 13.39
N ASP A 149 2.47 -17.59 13.87
CA ASP A 149 1.39 -18.56 13.84
C ASP A 149 1.12 -18.95 12.40
N PHE A 150 0.90 -20.26 12.18
CA PHE A 150 0.57 -20.83 10.87
C PHE A 150 -0.45 -19.98 10.12
N PHE A 151 -1.46 -19.49 10.83
CA PHE A 151 -2.59 -18.80 10.21
C PHE A 151 -2.52 -17.27 10.30
N ALA A 152 -1.40 -16.73 10.75
CA ALA A 152 -1.24 -15.28 10.87
C ALA A 152 -1.35 -14.62 9.50
N HIS A 153 -1.74 -13.35 9.48
CA HIS A 153 -2.03 -12.68 8.21
C HIS A 153 -0.83 -12.64 7.25
N MET A 154 -1.11 -12.76 5.96
CA MET A 154 -0.07 -12.76 4.93
C MET A 154 0.88 -11.56 5.03
N SER A 155 0.36 -10.40 5.42
CA SER A 155 1.20 -9.20 5.57
C SER A 155 2.34 -9.38 6.57
N LEU A 156 2.11 -10.20 7.59
CA LEU A 156 3.13 -10.50 8.60
C LEU A 156 4.18 -11.47 8.04
N TRP A 157 3.71 -12.50 7.34
CA TRP A 157 4.58 -13.44 6.65
C TRP A 157 5.48 -12.70 5.66
N GLU A 158 4.87 -11.84 4.86
CA GLU A 158 5.61 -11.08 3.86
C GLU A 158 6.54 -10.03 4.45
N GLY A 159 6.08 -9.35 5.50
CA GLY A 159 6.91 -8.37 6.22
C GLY A 159 8.19 -9.00 6.76
N ALA A 160 8.07 -10.24 7.25
CA ALA A 160 9.24 -11.01 7.70
C ALA A 160 10.14 -11.39 6.53
N ARG A 161 9.53 -11.86 5.44
CA ARG A 161 10.27 -12.29 4.24
C ARG A 161 11.04 -11.14 3.59
N TYR A 162 10.42 -9.97 3.49
CA TYR A 162 11.09 -8.80 2.91
C TYR A 162 12.32 -8.40 3.72
N ALA A 163 12.19 -8.50 5.04
CA ALA A 163 13.25 -8.12 5.97
C ALA A 163 14.35 -9.19 6.06
N ASN A 164 14.19 -10.25 5.27
CA ASN A 164 15.11 -11.40 5.28
C ASN A 164 15.26 -12.06 6.66
N ALA A 165 14.19 -12.01 7.44
CA ALA A 165 14.13 -12.67 8.74
C ALA A 165 14.00 -14.18 8.57
N GLN A 166 14.27 -14.91 9.64
CA GLN A 166 14.12 -16.36 9.64
C GLN A 166 12.76 -16.72 10.22
N ALA A 167 11.85 -17.15 9.36
CA ALA A 167 10.48 -17.49 9.79
C ALA A 167 10.42 -18.88 10.40
N HIS A 168 9.84 -18.95 11.60
CA HIS A 168 9.62 -20.22 12.29
C HIS A 168 8.12 -20.37 12.55
N PRO A 169 7.40 -20.98 11.61
CA PRO A 169 5.96 -21.14 11.74
C PRO A 169 5.61 -22.09 12.88
N PHE A 170 4.69 -21.69 13.75
CA PHE A 170 4.18 -22.61 14.78
C PHE A 170 2.72 -22.98 14.57
N MET A 171 2.38 -24.23 14.85
CA MET A 171 1.02 -24.74 14.69
C MET A 171 0.02 -23.83 15.39
N HIS A 172 -1.15 -23.70 14.76
CA HIS A 172 -2.15 -22.71 15.16
C HIS A 172 -2.47 -22.73 16.65
N ASN A 173 -2.23 -21.60 17.31
CA ASN A 173 -2.52 -21.39 18.73
C ASN A 173 -1.83 -22.39 19.65
N ASN A 174 -0.75 -23.00 19.16
CA ASN A 174 -0.08 -24.09 19.84
C ASN A 174 1.15 -23.61 20.60
N CYS A 175 0.97 -23.37 21.89
CA CYS A 175 2.05 -22.83 22.73
C CYS A 175 3.18 -23.82 23.01
N ASP A 176 2.87 -25.12 22.97
CA ASP A 176 3.90 -26.16 23.13
C ASP A 176 4.87 -26.12 21.95
N HIS A 177 4.33 -26.07 20.74
CA HIS A 177 5.15 -26.01 19.54
C HIS A 177 5.99 -24.74 19.53
N LEU A 178 5.39 -23.63 19.95
CA LEU A 178 6.09 -22.35 20.04
C LEU A 178 7.24 -22.41 21.04
N ARG A 179 6.98 -22.96 22.23
CA ARG A 179 8.00 -23.13 23.27
C ARG A 179 9.21 -23.90 22.75
N MET A 180 8.94 -25.00 22.04
CA MET A 180 9.98 -25.82 21.46
C MET A 180 10.79 -25.02 20.44
N LEU A 181 10.09 -24.27 19.60
CA LEU A 181 10.76 -23.45 18.59
C LEU A 181 11.65 -22.36 19.20
N ILE A 182 11.18 -21.68 20.24
CA ILE A 182 11.98 -20.61 20.85
C ILE A 182 13.16 -21.17 21.64
N GLN A 183 12.94 -22.26 22.38
CA GLN A 183 14.03 -22.96 23.05
C GLN A 183 15.14 -23.34 22.05
N ARG A 184 14.74 -23.83 20.89
CA ARG A 184 15.67 -24.25 19.85
C ARG A 184 16.43 -23.09 19.19
N HIS A 185 15.71 -22.04 18.80
CA HIS A 185 16.30 -21.00 17.95
C HIS A 185 16.70 -19.71 18.66
N GLY A 186 16.15 -19.47 19.86
CA GLY A 186 16.57 -18.33 20.68
C GLY A 186 15.62 -17.13 20.67
N PRO A 187 16.01 -16.03 21.34
CA PRO A 187 15.18 -14.83 21.43
C PRO A 187 14.78 -14.32 20.04
N GLY A 188 13.64 -13.66 19.97
CA GLY A 188 13.13 -13.17 18.69
C GLY A 188 11.84 -12.42 18.80
N ILE A 189 11.05 -12.46 17.73
CA ILE A 189 9.77 -11.77 17.70
C ILE A 189 8.66 -12.79 17.51
N ILE A 190 7.72 -12.81 18.45
CA ILE A 190 6.53 -13.64 18.33
C ILE A 190 5.43 -12.80 17.66
N VAL A 191 4.88 -13.33 16.58
CA VAL A 191 3.92 -12.58 15.76
C VAL A 191 2.62 -13.37 15.63
N VAL A 192 1.51 -12.73 16.01
CA VAL A 192 0.16 -13.35 16.01
C VAL A 192 -0.92 -12.36 15.59
N ASP A 193 -2.05 -12.89 15.11
CA ASP A 193 -3.31 -12.13 15.02
C ASP A 193 -3.99 -12.30 16.37
N SER A 194 -4.63 -11.25 16.90
CA SER A 194 -5.46 -11.40 18.11
C SER A 194 -6.68 -12.25 17.77
N ILE A 195 -7.33 -11.92 16.65
CA ILE A 195 -8.41 -12.72 16.09
C ILE A 195 -8.04 -13.03 14.65
N TYR A 196 -8.09 -14.31 14.29
CA TYR A 196 -7.58 -14.79 13.01
C TYR A 196 -8.53 -14.52 11.85
N SER A 197 -7.96 -14.06 10.75
CA SER A 197 -8.72 -13.53 9.60
C SER A 197 -9.60 -14.57 8.89
N THR A 198 -9.14 -15.83 8.81
CA THR A 198 -9.91 -16.87 8.10
C THR A 198 -10.81 -17.70 9.02
N LEU A 199 -10.33 -17.99 10.23
CA LEU A 199 -11.04 -18.90 11.14
C LEU A 199 -11.81 -18.22 12.28
N GLY A 200 -11.43 -16.98 12.60
CA GLY A 200 -12.12 -16.27 13.69
C GLY A 200 -11.76 -16.77 15.07
N THR A 201 -10.70 -17.58 15.14
CA THR A 201 -10.18 -18.05 16.43
C THR A 201 -9.48 -16.91 17.15
N ILE A 202 -9.29 -17.08 18.46
CA ILE A 202 -8.64 -16.06 19.29
C ILE A 202 -7.30 -16.60 19.79
N ALA A 203 -6.24 -15.82 19.62
CA ALA A 203 -4.91 -16.17 20.12
C ALA A 203 -4.87 -16.31 21.66
N PRO A 204 -4.04 -17.24 22.17
CA PRO A 204 -3.88 -17.37 23.62
C PRO A 204 -2.96 -16.26 24.13
N LEU A 205 -3.47 -15.03 24.15
CA LEU A 205 -2.65 -13.85 24.38
C LEU A 205 -1.94 -13.80 25.75
N ALA A 206 -2.64 -14.20 26.80
CA ALA A 206 -2.07 -14.24 28.15
C ALA A 206 -0.86 -15.19 28.23
N GLU A 207 -1.00 -16.36 27.64
CA GLU A 207 0.08 -17.35 27.61
C GLU A 207 1.23 -16.91 26.70
N LEU A 208 0.90 -16.23 25.61
CA LEU A 208 1.91 -15.68 24.70
C LEU A 208 2.73 -14.57 25.38
N VAL A 209 2.08 -13.77 26.21
CA VAL A 209 2.76 -12.75 27.01
C VAL A 209 3.74 -13.42 27.99
N ASN A 210 3.28 -14.47 28.67
CA ASN A 210 4.13 -15.27 29.55
C ASN A 210 5.36 -15.83 28.85
N ILE A 211 5.14 -16.46 27.68
CA ILE A 211 6.22 -17.01 26.86
C ILE A 211 7.23 -15.93 26.43
N SER A 212 6.73 -14.77 26.01
CA SER A 212 7.62 -13.68 25.60
C SER A 212 8.52 -13.25 26.76
N LYS A 213 7.95 -13.14 27.96
CA LYS A 213 8.70 -12.76 29.16
C LYS A 213 9.71 -13.83 29.57
N GLU A 214 9.28 -15.09 29.52
CA GLU A 214 10.12 -16.23 29.89
C GLU A 214 11.34 -16.36 28.98
N PHE A 215 11.14 -16.13 27.68
CA PHE A 215 12.19 -16.35 26.68
C PHE A 215 12.87 -15.08 26.16
N GLY A 216 12.53 -13.93 26.74
CA GLY A 216 13.08 -12.64 26.32
C GLY A 216 12.75 -12.27 24.87
N CYS A 217 11.51 -12.53 24.48
CA CYS A 217 11.03 -12.23 23.13
C CYS A 217 10.20 -10.95 23.08
N ALA A 218 10.17 -10.31 21.91
CA ALA A 218 9.22 -9.23 21.65
C ALA A 218 7.95 -9.85 21.12
N LEU A 219 6.81 -9.26 21.49
CA LEU A 219 5.51 -9.73 21.02
C LEU A 219 4.88 -8.68 20.12
N LEU A 220 4.38 -9.12 18.96
CA LEU A 220 3.68 -8.28 18.01
C LEU A 220 2.29 -8.85 17.80
N VAL A 221 1.25 -8.07 18.11
CA VAL A 221 -0.13 -8.53 17.98
C VAL A 221 -0.88 -7.68 16.96
N ASP A 222 -1.39 -8.31 15.91
CA ASP A 222 -2.21 -7.65 14.89
C ASP A 222 -3.67 -7.73 15.33
N GLU A 223 -4.23 -6.57 15.71
CA GLU A 223 -5.59 -6.50 16.22
C GLU A 223 -6.60 -6.04 15.16
N SER A 224 -6.33 -6.32 13.89
CA SER A 224 -7.22 -5.89 12.81
C SER A 224 -8.66 -6.35 13.03
N HIS A 225 -8.85 -7.55 13.58
CA HIS A 225 -10.19 -8.11 13.74
C HIS A 225 -10.80 -8.00 15.14
N SER A 226 -10.11 -7.30 16.05
CA SER A 226 -10.60 -7.10 17.41
C SER A 226 -10.71 -5.63 17.81
N LEU A 227 -9.95 -4.77 17.13
CA LEU A 227 -9.99 -3.34 17.39
C LEU A 227 -11.38 -2.81 17.00
N GLY A 228 -12.05 -2.14 17.92
CA GLY A 228 -13.39 -1.62 17.67
C GLY A 228 -14.53 -2.54 18.08
N THR A 229 -14.34 -3.85 17.93
CA THR A 229 -15.38 -4.83 18.24
C THR A 229 -15.28 -5.39 19.66
N HIS A 230 -14.08 -5.31 20.24
CA HIS A 230 -13.77 -5.93 21.53
C HIS A 230 -13.18 -4.93 22.50
N GLY A 231 -13.30 -5.22 23.80
CA GLY A 231 -12.66 -4.41 24.84
C GLY A 231 -13.44 -3.17 25.25
N PRO A 232 -12.95 -2.46 26.28
CA PRO A 232 -13.69 -1.29 26.78
C PRO A 232 -13.70 -0.18 25.74
N ASN A 233 -14.89 0.29 25.39
CA ASN A 233 -15.08 1.31 24.35
C ASN A 233 -14.51 0.89 22.97
N GLY A 234 -14.30 -0.42 22.81
CA GLY A 234 -13.77 -0.98 21.57
C GLY A 234 -12.25 -0.90 21.46
N ALA A 235 -11.58 -0.73 22.61
CA ALA A 235 -10.13 -0.52 22.66
C ALA A 235 -9.28 -1.73 22.23
N GLY A 236 -9.93 -2.89 22.14
CA GLY A 236 -9.26 -4.09 21.63
C GLY A 236 -9.17 -5.21 22.64
N LEU A 237 -8.67 -6.36 22.19
CA LEU A 237 -8.60 -7.55 23.04
C LEU A 237 -7.50 -7.45 24.09
N LEU A 238 -6.36 -6.88 23.72
CA LEU A 238 -5.28 -6.64 24.69
C LEU A 238 -5.79 -5.80 25.85
N ALA A 239 -6.51 -4.72 25.52
CA ALA A 239 -7.17 -3.89 26.53
C ALA A 239 -8.21 -4.67 27.34
N GLU A 240 -9.00 -5.52 26.67
CA GLU A 240 -10.00 -6.34 27.37
C GLU A 240 -9.39 -7.25 28.43
N LEU A 241 -8.24 -7.84 28.08
CA LEU A 241 -7.56 -8.82 28.93
C LEU A 241 -6.60 -8.18 29.93
N GLY A 242 -6.46 -6.85 29.84
CA GLY A 242 -5.53 -6.11 30.68
C GLY A 242 -4.07 -6.43 30.42
N LEU A 243 -3.72 -6.64 29.15
CA LEU A 243 -2.36 -7.01 28.75
C LEU A 243 -1.58 -5.93 28.01
N THR A 244 -2.22 -4.79 27.80
CA THR A 244 -1.63 -3.67 27.05
C THR A 244 -0.18 -3.37 27.42
N ARG A 245 0.08 -3.20 28.72
CA ARG A 245 1.39 -2.76 29.19
C ARG A 245 2.46 -3.86 29.17
N GLU A 246 2.08 -5.05 28.71
CA GLU A 246 2.97 -6.20 28.66
C GLU A 246 3.31 -6.60 27.22
N VAL A 247 2.78 -5.82 26.27
CA VAL A 247 2.98 -6.07 24.83
C VAL A 247 3.77 -4.94 24.19
N HIS A 248 4.79 -5.31 23.43
CA HIS A 248 5.71 -4.36 22.81
C HIS A 248 5.11 -3.62 21.62
N PHE A 249 4.44 -4.37 20.75
CA PHE A 249 3.88 -3.81 19.52
C PHE A 249 2.47 -4.32 19.25
N MET A 250 1.62 -3.44 18.75
CA MET A 250 0.31 -3.82 18.24
C MET A 250 0.10 -3.10 16.91
N THR A 251 -0.45 -3.81 15.93
CA THR A 251 -0.79 -3.19 14.65
C THR A 251 -2.28 -3.44 14.33
N ALA A 252 -2.81 -2.66 13.39
CA ALA A 252 -4.17 -2.86 12.93
C ALA A 252 -4.41 -2.19 11.60
N SER A 253 -5.12 -2.89 10.75
CA SER A 253 -5.79 -2.29 9.61
C SER A 253 -6.88 -1.39 10.17
N LEU A 254 -7.01 -0.20 9.59
CA LEU A 254 -8.14 0.65 9.93
C LEU A 254 -9.28 0.45 8.93
N ALA A 255 -9.14 -0.57 8.08
CA ALA A 255 -10.13 -0.88 7.04
C ALA A 255 -11.12 -1.96 7.45
N LYS A 256 -11.15 -2.27 8.73
CA LYS A 256 -12.13 -3.22 9.26
C LYS A 256 -13.17 -2.40 10.02
N THR A 257 -13.18 -2.46 11.36
CA THR A 257 -14.14 -1.68 12.14
C THR A 257 -14.04 -0.17 11.88
N PHE A 258 -12.83 0.32 11.63
CA PHE A 258 -12.64 1.77 11.41
C PHE A 258 -13.09 2.22 10.01
N ALA A 259 -13.41 1.26 9.15
CA ALA A 259 -14.00 1.51 7.83
C ALA A 259 -13.28 2.61 7.06
N TYR A 260 -11.95 2.52 7.04
CA TYR A 260 -11.13 3.48 6.31
C TYR A 260 -9.87 2.83 5.74
N ARG A 261 -9.42 3.33 4.60
CA ARG A 261 -8.25 2.76 3.92
C ARG A 261 -6.95 3.32 4.53
N ALA A 262 -6.56 2.74 5.65
CA ALA A 262 -5.34 3.12 6.36
C ALA A 262 -4.97 2.01 7.33
N GLY A 263 -3.83 2.17 8.01
CA GLY A 263 -3.40 1.25 9.05
C GLY A 263 -2.71 2.04 10.15
N ALA A 264 -2.30 1.36 11.21
CA ALA A 264 -1.59 2.02 12.30
C ALA A 264 -0.64 1.05 12.99
N ILE A 265 0.48 1.60 13.45
CA ILE A 265 1.45 0.86 14.26
C ILE A 265 1.48 1.49 15.66
N TRP A 266 1.26 0.69 16.69
CA TRP A 266 1.39 1.16 18.08
C TRP A 266 2.61 0.54 18.74
N CYS A 267 3.34 1.36 19.51
CA CYS A 267 4.55 0.92 20.22
C CYS A 267 4.53 1.33 21.68
N ASN A 268 4.99 0.44 22.55
CA ASN A 268 5.21 0.77 23.97
C ASN A 268 6.69 1.04 24.19
N ASN A 269 7.27 1.78 23.26
CA ASN A 269 8.69 2.06 23.17
C ASN A 269 8.92 3.15 22.13
N GLU A 270 10.18 3.30 21.69
CA GLU A 270 10.58 4.41 20.82
C GLU A 270 10.68 4.04 19.34
N VAL A 271 10.19 2.85 18.98
CA VAL A 271 10.34 2.35 17.60
C VAL A 271 9.64 3.19 16.53
N ASN A 272 8.50 3.81 16.88
CA ASN A 272 7.77 4.67 15.94
C ASN A 272 8.50 5.97 15.57
N ARG A 273 9.54 6.31 16.32
CA ARG A 273 10.44 7.40 15.94
C ARG A 273 11.24 7.00 14.70
N CYS A 274 11.49 5.71 14.55
CA CYS A 274 12.38 5.19 13.51
C CYS A 274 11.67 4.66 12.26
N VAL A 275 10.46 4.12 12.43
CA VAL A 275 9.72 3.54 11.30
C VAL A 275 9.62 4.47 10.07
N PRO A 276 9.25 5.76 10.27
CA PRO A 276 9.07 6.64 9.11
C PRO A 276 10.27 6.79 8.18
N PHE A 277 11.47 6.49 8.69
CA PHE A 277 12.70 6.66 7.92
C PHE A 277 13.34 5.35 7.47
N ILE A 278 12.74 4.22 7.85
CA ILE A 278 13.29 2.89 7.55
C ILE A 278 12.35 2.07 6.65
N SER A 279 11.07 2.05 7.02
CA SER A 279 10.05 1.32 6.26
C SER A 279 9.96 1.83 4.83
N TYR A 280 10.11 0.93 3.86
CA TYR A 280 10.03 1.31 2.46
C TYR A 280 8.67 1.90 2.04
N PRO A 281 7.54 1.27 2.44
CA PRO A 281 6.25 1.92 2.20
C PRO A 281 6.10 3.30 2.85
N ALA A 282 6.65 3.48 4.06
CA ALA A 282 6.64 4.80 4.70
C ALA A 282 7.49 5.82 3.95
N ILE A 283 8.60 5.36 3.38
CA ILE A 283 9.53 6.24 2.67
C ILE A 283 9.08 6.57 1.25
N PHE A 284 8.74 5.54 0.48
CA PHE A 284 8.57 5.67 -0.96
C PHE A 284 7.12 5.83 -1.43
N SER A 285 6.18 5.65 -0.51
CA SER A 285 4.77 5.79 -0.85
C SER A 285 4.13 7.00 -0.19
N SER A 286 3.25 7.67 -0.93
CA SER A 286 2.63 8.90 -0.45
C SER A 286 1.81 8.68 0.81
N THR A 287 1.82 9.71 1.63
CA THR A 287 1.17 9.73 2.92
C THR A 287 -0.34 9.89 2.79
N LEU A 288 -1.05 9.61 3.89
CA LEU A 288 -2.44 10.04 4.03
C LEU A 288 -2.48 11.57 4.06
N LEU A 289 -3.58 12.13 3.58
CA LEU A 289 -3.80 13.59 3.62
C LEU A 289 -4.48 14.00 4.92
N PRO A 290 -4.31 15.28 5.36
CA PRO A 290 -4.87 15.78 6.61
C PRO A 290 -6.37 15.54 6.80
N TYR A 291 -7.15 15.64 5.72
CA TYR A 291 -8.60 15.45 5.84
C TYR A 291 -8.98 14.01 6.18
N GLU A 292 -8.14 13.08 5.72
CA GLU A 292 -8.32 11.65 6.02
C GLU A 292 -8.20 11.41 7.51
N ALA A 293 -7.20 12.03 8.14
CA ALA A 293 -6.99 11.94 9.58
C ALA A 293 -8.17 12.47 10.40
N ALA A 294 -8.72 13.61 9.98
CA ALA A 294 -9.87 14.21 10.65
C ALA A 294 -11.09 13.28 10.63
N GLY A 295 -11.29 12.58 9.51
CA GLY A 295 -12.37 11.60 9.37
C GLY A 295 -12.24 10.49 10.38
N LEU A 296 -11.00 10.07 10.63
CA LEU A 296 -10.71 9.00 11.58
C LEU A 296 -11.04 9.44 13.02
N GLU A 297 -10.86 10.72 13.32
CA GLU A 297 -11.20 11.27 14.64
C GLU A 297 -12.69 11.08 14.95
N THR A 298 -13.55 11.38 13.97
CA THR A 298 -14.99 11.17 14.13
C THR A 298 -15.33 9.69 14.24
N THR A 299 -14.72 8.87 13.38
CA THR A 299 -14.91 7.42 13.42
C THR A 299 -14.59 6.86 14.82
N LEU A 300 -13.44 7.29 15.36
CA LEU A 300 -13.01 6.88 16.70
C LEU A 300 -14.06 7.20 17.76
N GLU A 301 -14.60 8.42 17.73
CA GLU A 301 -15.61 8.85 18.69
C GLU A 301 -16.87 7.98 18.63
N ILE A 302 -17.33 7.70 17.41
CA ILE A 302 -18.50 6.83 17.21
C ILE A 302 -18.23 5.41 17.74
N ILE A 303 -17.08 4.86 17.38
CA ILE A 303 -16.69 3.53 17.87
C ILE A 303 -16.67 3.50 19.41
N GLU A 304 -16.08 4.52 20.02
CA GLU A 304 -16.01 4.62 21.48
C GLU A 304 -17.37 4.45 22.17
N SER A 305 -18.43 4.99 21.55
CA SER A 305 -19.76 4.96 22.13
C SER A 305 -20.67 3.84 21.61
N ALA A 306 -20.15 3.00 20.73
CA ALA A 306 -20.95 1.96 20.09
C ALA A 306 -21.09 0.66 20.91
N ASP A 307 -21.33 0.80 22.21
CA ASP A 307 -21.47 -0.35 23.11
C ASP A 307 -22.58 -1.31 22.67
N ASN A 308 -23.72 -0.74 22.29
CA ASN A 308 -24.88 -1.53 21.87
C ASN A 308 -24.63 -2.34 20.59
N ARG A 309 -23.95 -1.73 19.62
CA ARG A 309 -23.57 -2.43 18.39
C ARG A 309 -22.62 -3.60 18.69
N ARG A 310 -21.62 -3.36 19.55
CA ARG A 310 -20.68 -4.40 19.96
C ARG A 310 -21.39 -5.58 20.62
N GLN A 311 -22.32 -5.28 21.52
CA GLN A 311 -23.07 -6.27 22.27
C GLN A 311 -23.95 -7.12 21.35
N HIS A 312 -24.65 -6.44 20.44
CA HIS A 312 -25.54 -7.11 19.48
C HIS A 312 -24.75 -8.04 18.55
N LEU A 313 -23.64 -7.55 18.01
CA LEU A 313 -22.79 -8.34 17.13
C LEU A 313 -22.32 -9.60 17.85
N ASP A 314 -21.86 -9.44 19.08
CA ASP A 314 -21.38 -10.54 19.90
C ASP A 314 -22.46 -11.62 20.11
N ARG A 315 -23.69 -11.17 20.40
CA ARG A 315 -24.83 -12.07 20.60
C ARG A 315 -25.20 -12.82 19.31
N MET A 316 -25.26 -12.09 18.20
CA MET A 316 -25.60 -12.67 16.90
C MET A 316 -24.55 -13.70 16.47
N ALA A 317 -23.28 -13.37 16.71
CA ALA A 317 -22.17 -14.27 16.34
C ALA A 317 -22.22 -15.57 17.13
N ARG A 318 -22.47 -15.48 18.43
CA ARG A 318 -22.59 -16.67 19.28
C ARG A 318 -23.77 -17.53 18.83
N LYS A 319 -24.91 -16.89 18.60
CA LYS A 319 -26.12 -17.54 18.09
C LYS A 319 -25.83 -18.34 16.82
N LEU A 320 -25.10 -17.72 15.89
CA LEU A 320 -24.73 -18.39 14.64
C LEU A 320 -23.79 -19.57 14.85
N ARG A 321 -22.74 -19.39 15.65
CA ARG A 321 -21.78 -20.47 15.92
C ARG A 321 -22.46 -21.69 16.56
N ILE A 322 -23.32 -21.44 17.54
CA ILE A 322 -24.11 -22.50 18.20
C ILE A 322 -24.97 -23.23 17.16
N GLY A 323 -25.70 -22.47 16.36
CA GLY A 323 -26.59 -23.04 15.34
C GLY A 323 -25.89 -23.89 14.30
N LEU A 324 -24.73 -23.43 13.84
CA LEU A 324 -23.98 -24.16 12.81
C LEU A 324 -23.24 -25.38 13.35
N SER A 325 -22.65 -25.23 14.53
CA SER A 325 -21.87 -26.32 15.13
C SER A 325 -22.74 -27.53 15.45
N GLN A 326 -24.00 -27.30 15.81
CA GLN A 326 -24.89 -28.43 16.11
C GLN A 326 -25.34 -29.20 14.86
N LEU A 327 -25.07 -28.63 13.69
CA LEU A 327 -25.34 -29.28 12.41
C LEU A 327 -24.21 -30.22 11.98
N GLY A 328 -23.11 -30.20 12.74
CA GLY A 328 -21.97 -31.07 12.46
C GLY A 328 -20.81 -30.39 11.75
N LEU A 329 -20.99 -29.13 11.37
CA LEU A 329 -19.92 -28.33 10.79
C LEU A 329 -18.87 -28.04 11.85
N THR A 330 -17.60 -28.10 11.47
CA THR A 330 -16.54 -27.61 12.33
C THR A 330 -16.59 -26.09 12.28
N ILE A 331 -16.77 -25.48 13.45
CA ILE A 331 -16.78 -24.02 13.59
C ILE A 331 -15.76 -23.68 14.68
N ARG A 332 -14.55 -23.32 14.26
CA ARG A 332 -13.48 -23.04 15.20
C ARG A 332 -13.59 -21.65 15.81
N SER A 333 -14.36 -20.78 15.14
CA SER A 333 -14.53 -19.39 15.53
C SER A 333 -14.94 -19.18 16.99
N GLU A 334 -14.43 -18.10 17.57
CA GLU A 334 -14.93 -17.58 18.84
C GLU A 334 -15.24 -16.09 18.70
N SER A 335 -15.61 -15.68 17.47
CA SER A 335 -15.77 -14.26 17.14
C SER A 335 -16.81 -14.00 16.04
N GLN A 336 -16.81 -12.78 15.50
CA GLN A 336 -17.77 -12.38 14.46
C GLN A 336 -17.37 -12.89 13.07
N ILE A 337 -16.18 -13.47 12.96
CA ILE A 337 -15.71 -14.12 11.74
C ILE A 337 -15.99 -15.59 11.86
N ILE A 338 -16.81 -16.14 10.96
CA ILE A 338 -17.15 -17.56 11.01
C ILE A 338 -16.72 -18.26 9.72
N GLY A 339 -15.85 -19.25 9.87
CA GLY A 339 -15.29 -19.96 8.74
C GLY A 339 -15.96 -21.29 8.48
N LEU A 340 -16.65 -21.39 7.35
CA LEU A 340 -17.21 -22.66 6.90
C LEU A 340 -16.10 -23.40 6.17
N GLU A 341 -15.76 -24.59 6.68
CA GLU A 341 -14.63 -25.34 6.16
C GLU A 341 -15.12 -26.25 5.02
N THR A 342 -14.65 -25.96 3.81
CA THR A 342 -15.26 -26.55 2.60
C THR A 342 -14.32 -27.43 1.78
N GLY A 343 -13.16 -27.79 2.35
CA GLY A 343 -12.25 -28.74 1.71
C GLY A 343 -11.68 -28.27 0.38
N ASP A 344 -11.74 -29.12 -0.63
CA ASP A 344 -11.08 -28.81 -1.91
C ASP A 344 -11.86 -27.83 -2.79
N GLU A 345 -11.22 -27.34 -3.85
CA GLU A 345 -11.80 -26.29 -4.70
C GLU A 345 -13.10 -26.70 -5.40
N ARG A 346 -13.17 -27.96 -5.84
CA ARG A 346 -14.40 -28.44 -6.49
C ARG A 346 -15.58 -28.45 -5.52
N ASN A 347 -15.34 -28.94 -4.31
CA ASN A 347 -16.35 -28.91 -3.26
C ASN A 347 -16.76 -27.49 -2.89
N THR A 348 -15.76 -26.63 -2.72
CA THR A 348 -15.96 -25.23 -2.35
C THR A 348 -16.88 -24.52 -3.34
N GLU A 349 -16.65 -24.75 -4.63
CA GLU A 349 -17.50 -24.18 -5.69
C GLU A 349 -18.97 -24.55 -5.49
N LYS A 350 -19.22 -25.83 -5.21
CA LYS A 350 -20.58 -26.32 -5.01
C LYS A 350 -21.24 -25.72 -3.78
N VAL A 351 -20.47 -25.62 -2.69
CA VAL A 351 -20.99 -25.01 -1.46
C VAL A 351 -21.35 -23.54 -1.71
N ARG A 352 -20.41 -22.80 -2.29
CA ARG A 352 -20.62 -21.39 -2.65
C ARG A 352 -21.91 -21.21 -3.46
N ASP A 353 -22.05 -22.01 -4.51
CA ASP A 353 -23.21 -21.93 -5.40
C ASP A 353 -24.53 -22.20 -4.68
N TYR A 354 -24.52 -23.17 -3.77
CA TYR A 354 -25.71 -23.49 -2.99
C TYR A 354 -26.10 -22.34 -2.06
N LEU A 355 -25.11 -21.83 -1.33
CA LEU A 355 -25.35 -20.74 -0.40
C LEU A 355 -25.87 -19.48 -1.11
N GLU A 356 -25.21 -19.12 -2.21
CA GLU A 356 -25.62 -17.95 -3.01
C GLU A 356 -27.01 -18.11 -3.63
N SER A 357 -27.33 -19.31 -4.12
CA SER A 357 -28.66 -19.60 -4.66
C SER A 357 -29.75 -19.44 -3.61
N ASN A 358 -29.40 -19.68 -2.35
CA ASN A 358 -30.32 -19.57 -1.22
C ASN A 358 -30.21 -18.26 -0.44
N GLY A 359 -29.48 -17.29 -1.00
CA GLY A 359 -29.46 -15.94 -0.47
C GLY A 359 -28.43 -15.64 0.60
N VAL A 360 -27.38 -16.46 0.67
CA VAL A 360 -26.31 -16.29 1.66
C VAL A 360 -24.98 -16.07 0.95
N PHE A 361 -24.40 -14.89 1.15
CA PHE A 361 -23.17 -14.49 0.44
C PHE A 361 -22.00 -14.25 1.38
N GLY A 362 -21.16 -15.28 1.53
CA GLY A 362 -19.89 -15.14 2.25
C GLY A 362 -18.77 -14.85 1.27
N SER A 363 -17.52 -14.92 1.74
CA SER A 363 -16.36 -14.69 0.90
C SER A 363 -15.56 -15.99 0.77
N VAL A 364 -15.30 -16.43 -0.47
CA VAL A 364 -14.47 -17.61 -0.67
C VAL A 364 -13.01 -17.27 -0.35
N PHE A 365 -12.45 -18.00 0.60
CA PHE A 365 -11.03 -17.93 0.92
C PHE A 365 -10.32 -19.17 0.40
N CYS A 366 -9.52 -18.96 -0.64
CA CYS A 366 -8.78 -20.03 -1.29
C CYS A 366 -7.34 -19.61 -1.48
N ARG A 367 -6.53 -20.46 -2.11
CA ARG A 367 -5.12 -20.14 -2.35
C ARG A 367 -4.99 -18.78 -3.06
N PRO A 368 -3.98 -17.98 -2.67
CA PRO A 368 -2.90 -18.25 -1.71
C PRO A 368 -3.23 -18.01 -0.24
N ALA A 369 -4.47 -17.64 0.07
CA ALA A 369 -4.88 -17.37 1.45
C ALA A 369 -4.99 -18.65 2.30
N THR A 370 -5.32 -19.76 1.64
CA THR A 370 -5.42 -21.07 2.29
C THR A 370 -4.66 -22.09 1.45
N SER A 371 -4.50 -23.30 1.99
CA SER A 371 -4.05 -24.45 1.23
C SER A 371 -5.11 -24.79 0.20
N LYS A 372 -4.68 -25.41 -0.91
CA LYS A 372 -5.58 -25.80 -2.01
C LYS A 372 -6.70 -26.75 -1.58
N ASN A 373 -6.45 -27.53 -0.52
CA ASN A 373 -7.41 -28.51 -0.06
C ASN A 373 -8.12 -28.14 1.24
N LYS A 374 -7.87 -26.92 1.71
CA LYS A 374 -8.44 -26.44 2.98
C LYS A 374 -9.08 -25.07 2.80
N ASN A 375 -9.96 -24.97 1.80
CA ASN A 375 -10.66 -23.73 1.52
C ASN A 375 -11.71 -23.41 2.57
N ILE A 376 -12.06 -22.13 2.67
CA ILE A 376 -12.98 -21.61 3.67
C ILE A 376 -13.96 -20.70 2.97
N ILE A 377 -15.24 -20.78 3.34
CA ILE A 377 -16.19 -19.72 2.99
C ILE A 377 -16.39 -18.94 4.27
N ARG A 378 -15.88 -17.70 4.26
CA ARG A 378 -15.87 -16.87 5.45
C ARG A 378 -17.15 -16.03 5.51
N LEU A 379 -17.84 -16.14 6.65
CA LEU A 379 -18.98 -15.30 6.93
C LEU A 379 -18.54 -14.21 7.90
N SER A 380 -18.53 -12.98 7.41
CA SER A 380 -18.18 -11.82 8.22
C SER A 380 -19.48 -11.19 8.69
N LEU A 381 -19.76 -11.30 9.98
CA LEU A 381 -20.97 -10.70 10.53
C LEU A 381 -20.74 -9.24 10.87
N ASN A 382 -21.79 -8.45 10.82
CA ASN A 382 -21.75 -7.04 11.23
C ASN A 382 -22.98 -6.72 12.07
N SER A 383 -22.96 -5.57 12.75
CA SER A 383 -23.98 -5.20 13.71
C SER A 383 -25.37 -4.93 13.11
N ASP A 384 -25.45 -4.84 11.78
CA ASP A 384 -26.75 -4.68 11.11
C ASP A 384 -27.49 -6.00 10.90
N VAL A 385 -26.78 -7.12 11.05
CA VAL A 385 -27.38 -8.44 10.92
C VAL A 385 -28.35 -8.69 12.08
N ASN A 386 -29.57 -9.13 11.76
CA ASN A 386 -30.62 -9.37 12.76
C ASN A 386 -30.90 -10.85 13.04
N ASP A 387 -31.71 -11.11 14.06
CA ASP A 387 -32.08 -12.48 14.48
C ASP A 387 -32.68 -13.34 13.37
N GLU A 388 -33.56 -12.74 12.57
CA GLU A 388 -34.19 -13.42 11.44
C GLU A 388 -33.16 -13.90 10.43
N GLN A 389 -32.20 -13.05 10.12
CA GLN A 389 -31.13 -13.38 9.18
C GLN A 389 -30.22 -14.50 9.69
N ILE A 390 -29.88 -14.44 10.98
CA ILE A 390 -29.10 -15.51 11.62
C ILE A 390 -29.86 -16.85 11.54
N ALA A 391 -31.14 -16.83 11.87
CA ALA A 391 -31.98 -18.03 11.77
C ALA A 391 -32.02 -18.56 10.33
N LYS A 392 -32.06 -17.64 9.36
CA LYS A 392 -32.05 -18.00 7.94
C LYS A 392 -30.75 -18.68 7.49
N ILE A 393 -29.61 -18.14 7.93
CA ILE A 393 -28.32 -18.75 7.61
C ILE A 393 -28.26 -20.19 8.14
N ILE A 394 -28.73 -20.38 9.38
CA ILE A 394 -28.74 -21.71 10.03
C ILE A 394 -29.62 -22.67 9.22
N GLU A 395 -30.80 -22.19 8.83
CA GLU A 395 -31.75 -22.96 8.02
C GLU A 395 -31.15 -23.39 6.68
N VAL A 396 -30.51 -22.44 5.98
CA VAL A 396 -29.86 -22.72 4.70
C VAL A 396 -28.75 -23.77 4.85
N CYS A 397 -27.94 -23.64 5.90
CA CYS A 397 -26.87 -24.61 6.13
C CYS A 397 -27.41 -25.98 6.58
N SER A 398 -28.53 -25.96 7.31
CA SER A 398 -29.19 -27.19 7.71
C SER A 398 -29.66 -27.97 6.49
N ASP A 399 -30.27 -27.27 5.54
CA ASP A 399 -30.70 -27.87 4.28
C ASP A 399 -29.50 -28.28 3.42
N ALA A 400 -28.42 -27.49 3.49
CA ALA A 400 -27.18 -27.75 2.74
C ALA A 400 -26.54 -29.05 3.18
N VAL A 401 -26.51 -29.26 4.51
CA VAL A 401 -26.00 -30.50 5.09
C VAL A 401 -26.74 -31.72 4.55
N ASN A 402 -28.06 -31.59 4.34
CA ASN A 402 -28.90 -32.70 3.91
C ASN A 402 -29.01 -32.91 2.39
N TYR A 403 -28.43 -31.98 1.62
CA TYR A 403 -28.65 -31.92 0.17
C TYR A 403 -27.90 -32.99 -0.65
N GLY A 404 -26.73 -33.40 -0.18
CA GLY A 404 -25.98 -34.50 -0.81
C GLY A 404 -25.07 -34.17 -1.98
N ASP A 405 -24.98 -32.88 -2.33
CA ASP A 405 -24.19 -32.44 -3.47
C ASP A 405 -22.76 -32.09 -3.07
N PHE A 406 -22.52 -31.93 -1.78
CA PHE A 406 -21.23 -31.48 -1.26
C PHE A 406 -21.11 -31.80 0.23
N TYR A 407 -19.95 -31.52 0.81
CA TYR A 407 -19.72 -31.74 2.23
C TYR A 407 -19.18 -30.49 2.92
N PHE A 408 -19.21 -30.50 4.25
CA PHE A 408 -18.47 -29.54 5.06
C PHE A 408 -17.46 -30.33 5.89
N ARG A 409 -16.35 -29.67 6.24
CA ARG A 409 -15.38 -30.25 7.15
C ARG A 409 -15.67 -29.81 8.57
N PRO B 24 6.74 -2.77 28.11
CA PRO B 24 7.68 -3.82 28.50
C PRO B 24 9.06 -3.61 27.86
N GLN B 25 10.09 -4.21 28.46
CA GLN B 25 11.46 -4.07 27.98
C GLN B 25 11.66 -4.79 26.64
N LEU B 26 12.26 -4.08 25.69
CA LEU B 26 12.61 -4.65 24.40
C LEU B 26 13.80 -5.60 24.52
N PRO B 27 13.79 -6.70 23.74
CA PRO B 27 14.96 -7.57 23.64
C PRO B 27 16.18 -6.81 23.12
N ASP B 28 17.37 -7.28 23.50
CA ASP B 28 18.63 -6.58 23.22
C ASP B 28 18.85 -6.23 21.75
N PHE B 29 18.59 -7.19 20.85
CA PHE B 29 18.86 -7.02 19.42
C PHE B 29 18.01 -5.94 18.74
N ILE B 30 16.78 -5.75 19.22
CA ILE B 30 15.93 -4.66 18.75
C ILE B 30 16.38 -3.33 19.36
N GLN B 31 16.57 -3.33 20.68
CA GLN B 31 17.03 -2.14 21.40
C GLN B 31 18.36 -1.62 20.83
N ASN B 32 19.30 -2.55 20.57
CA ASN B 32 20.58 -2.22 19.95
C ASN B 32 20.44 -1.58 18.58
N LYS B 33 19.50 -2.09 17.78
CA LYS B 33 19.25 -1.55 16.44
C LYS B 33 18.69 -0.14 16.50
N ILE B 34 17.71 0.08 17.39
CA ILE B 34 17.09 1.39 17.55
C ILE B 34 18.08 2.39 18.14
N ASP B 35 18.82 1.97 19.16
CA ASP B 35 19.85 2.80 19.78
C ASP B 35 20.89 3.25 18.75
N HIS B 36 21.39 2.31 17.96
CA HIS B 36 22.37 2.57 16.91
C HIS B 36 21.82 3.52 15.84
N TYR B 37 20.57 3.30 15.44
CA TYR B 37 19.95 4.11 14.40
C TYR B 37 19.81 5.57 14.81
N ILE B 38 19.27 5.81 15.99
CA ILE B 38 19.07 7.17 16.50
C ILE B 38 20.41 7.93 16.58
N GLU B 39 21.46 7.24 17.03
CA GLU B 39 22.80 7.81 17.11
C GLU B 39 23.37 8.18 15.73
N ASN B 40 23.22 7.26 14.77
CA ASN B 40 23.86 7.39 13.46
C ASN B 40 23.02 8.07 12.37
N TYR B 41 21.78 8.42 12.68
CA TYR B 41 20.88 9.03 11.70
C TYR B 41 20.20 10.30 12.20
N PHE B 42 20.01 10.41 13.50
CA PHE B 42 19.41 11.62 14.08
C PHE B 42 20.45 12.49 14.79
N ASP B 43 21.23 11.87 15.67
CA ASP B 43 22.17 12.57 16.55
C ASP B 43 23.35 13.26 15.83
N ILE B 44 23.77 12.68 14.70
CA ILE B 44 24.90 13.23 13.92
C ILE B 44 24.61 14.62 13.36
N ASN B 45 23.37 14.83 12.90
CA ASN B 45 22.97 16.10 12.29
C ASN B 45 22.87 17.25 13.29
N LYS B 46 23.16 18.46 12.79
CA LYS B 46 23.15 19.69 13.60
C LYS B 46 21.88 19.86 14.44
N ASN B 47 20.73 19.72 13.80
CA ASN B 47 19.44 19.94 14.46
C ASN B 47 18.94 18.74 15.30
N GLY B 48 19.70 17.64 15.28
CA GLY B 48 19.34 16.44 16.03
C GLY B 48 18.25 15.61 15.39
N LYS B 49 17.82 16.03 14.19
CA LYS B 49 16.77 15.34 13.45
C LYS B 49 17.37 14.62 12.24
N HIS B 50 16.53 13.85 11.53
CA HIS B 50 16.96 13.18 10.30
C HIS B 50 17.31 14.21 9.23
N LEU B 51 18.23 13.84 8.35
CA LEU B 51 18.77 14.72 7.30
C LEU B 51 17.68 15.37 6.42
N VAL B 52 16.56 14.69 6.23
CA VAL B 52 15.46 15.22 5.40
C VAL B 52 14.65 16.32 6.11
N LEU B 53 14.84 16.46 7.42
CA LEU B 53 14.09 17.44 8.20
C LEU B 53 14.94 18.65 8.56
N GLY B 54 14.72 19.76 7.86
CA GLY B 54 15.43 21.02 8.12
C GLY B 54 14.58 21.96 8.96
N LYS B 55 14.52 23.22 8.54
CA LYS B 55 13.74 24.23 9.26
C LYS B 55 12.32 24.31 8.71
N GLN B 56 11.43 24.94 9.49
CA GLN B 56 10.04 25.12 9.07
C GLN B 56 9.95 26.25 8.05
N ALA B 57 9.21 26.00 6.97
CA ALA B 57 9.05 26.97 5.90
C ALA B 57 8.01 28.04 6.24
N SER B 58 8.35 29.29 5.96
CA SER B 58 7.43 30.41 6.12
C SER B 58 6.61 30.59 4.83
N PRO B 59 5.45 31.26 4.92
CA PRO B 59 4.58 31.48 3.75
C PRO B 59 5.27 32.13 2.54
N ASP B 60 6.34 32.90 2.79
CA ASP B 60 7.04 33.63 1.73
C ASP B 60 8.00 32.74 0.92
N ASP B 61 8.39 31.60 1.47
CA ASP B 61 9.38 30.73 0.84
C ASP B 61 8.86 29.98 -0.39
N ILE B 62 9.78 29.63 -1.29
CA ILE B 62 9.46 28.87 -2.49
C ILE B 62 9.58 27.38 -2.18
N ILE B 63 8.48 26.65 -2.33
CA ILE B 63 8.43 25.24 -1.95
C ILE B 63 8.42 24.37 -3.21
N LEU B 64 9.42 23.51 -3.32
CA LEU B 64 9.58 22.67 -4.50
C LEU B 64 9.67 21.20 -4.08
N GLN B 65 8.67 20.76 -3.31
CA GLN B 65 8.70 19.44 -2.69
C GLN B 65 7.57 18.52 -3.17
N SER B 66 6.42 19.09 -3.49
CA SER B 66 5.24 18.31 -3.87
C SER B 66 5.35 17.74 -5.28
N ASN B 67 4.76 16.55 -5.45
CA ASN B 67 4.69 15.89 -6.76
C ASN B 67 3.44 16.31 -7.55
N ASP B 68 2.69 17.26 -6.99
CA ASP B 68 1.45 17.78 -7.59
C ASP B 68 1.82 18.76 -8.71
N TYR B 69 2.20 18.21 -9.86
CA TYR B 69 2.85 18.99 -10.91
C TYR B 69 1.97 20.04 -11.57
N LEU B 70 0.68 19.78 -11.66
CA LEU B 70 -0.25 20.74 -12.26
C LEU B 70 -1.08 21.45 -11.19
N ALA B 71 -0.58 21.42 -9.95
CA ALA B 71 -1.18 22.14 -8.82
C ALA B 71 -2.69 21.89 -8.70
N LEU B 72 -3.07 20.62 -8.61
CA LEU B 72 -4.48 20.25 -8.56
C LEU B 72 -4.98 19.83 -7.17
N ALA B 73 -4.08 19.83 -6.17
CA ALA B 73 -4.43 19.41 -4.80
C ALA B 73 -5.67 20.12 -4.25
N ASN B 74 -5.82 21.40 -4.58
CA ASN B 74 -6.90 22.23 -4.04
C ASN B 74 -7.96 22.60 -5.09
N HIS B 75 -7.98 21.87 -6.20
CA HIS B 75 -8.92 22.19 -7.29
C HIS B 75 -10.36 22.03 -6.81
N PRO B 76 -11.16 23.11 -6.91
CA PRO B 76 -12.53 23.10 -6.38
C PRO B 76 -13.43 22.05 -7.03
N LEU B 77 -13.23 21.77 -8.31
CA LEU B 77 -14.06 20.79 -9.00
C LEU B 77 -13.78 19.37 -8.54
N ILE B 78 -12.51 19.04 -8.32
CA ILE B 78 -12.14 17.72 -7.80
C ILE B 78 -12.73 17.51 -6.41
N LYS B 79 -12.52 18.49 -5.52
CA LYS B 79 -13.03 18.44 -4.15
C LYS B 79 -14.55 18.31 -4.12
N ALA B 80 -15.22 19.06 -4.98
CA ALA B 80 -16.68 19.00 -5.07
C ALA B 80 -17.21 17.62 -5.47
N ARG B 81 -16.62 17.02 -6.49
CA ARG B 81 -17.04 15.68 -6.96
C ARG B 81 -16.73 14.58 -5.94
N LEU B 82 -15.59 14.70 -5.27
CA LEU B 82 -15.19 13.74 -4.24
C LEU B 82 -16.15 13.83 -3.04
N ALA B 83 -16.44 15.05 -2.60
CA ALA B 83 -17.40 15.27 -1.51
C ALA B 83 -18.79 14.77 -1.88
N LYS B 84 -19.24 15.11 -3.08
CA LYS B 84 -20.55 14.67 -3.57
C LYS B 84 -20.69 13.14 -3.59
N SER B 85 -19.67 12.45 -4.09
CA SER B 85 -19.70 11.00 -4.22
C SER B 85 -19.68 10.29 -2.87
N LEU B 86 -18.94 10.85 -1.93
CA LEU B 86 -18.85 10.38 -0.56
C LEU B 86 -20.19 10.47 0.18
N LEU B 87 -20.91 11.57 -0.06
CA LEU B 87 -22.20 11.81 0.60
C LEU B 87 -23.33 10.91 0.07
N GLU B 88 -23.12 10.31 -1.10
CA GLU B 88 -24.06 9.35 -1.67
C GLU B 88 -24.14 8.13 -0.76
N GLU B 89 -25.17 7.30 -0.97
CA GLU B 89 -25.33 6.07 -0.19
C GLU B 89 -24.14 5.15 -0.43
N GLN B 90 -23.40 4.88 0.64
CA GLN B 90 -22.19 4.08 0.58
C GLN B 90 -22.49 2.62 0.80
N GLN B 91 -22.22 1.80 -0.21
CA GLN B 91 -22.19 0.35 -0.02
C GLN B 91 -20.90 0.02 0.74
N SER B 92 -20.98 -0.97 1.61
CA SER B 92 -19.86 -1.29 2.48
C SER B 92 -18.89 -2.25 1.76
N LEU B 93 -17.92 -1.69 1.05
CA LEU B 93 -16.97 -2.50 0.28
C LEU B 93 -15.59 -2.57 0.94
N PHE B 94 -15.58 -2.96 2.21
CA PHE B 94 -14.34 -3.14 2.95
C PHE B 94 -13.87 -4.57 2.86
N MET B 95 -13.13 -4.81 1.78
CA MET B 95 -12.73 -6.15 1.37
C MET B 95 -11.66 -6.07 0.29
N SER B 96 -11.08 -7.22 -0.02
CA SER B 96 -10.13 -7.36 -1.11
C SER B 96 -10.80 -6.98 -2.43
N ALA B 97 -10.06 -6.33 -3.32
CA ALA B 97 -10.56 -6.08 -4.68
C ALA B 97 -10.71 -7.37 -5.50
N SER B 98 -10.11 -8.47 -5.02
CA SER B 98 -10.28 -9.78 -5.66
C SER B 98 -11.76 -10.11 -5.83
N PHE B 99 -12.54 -9.77 -4.81
CA PHE B 99 -13.98 -10.05 -4.79
C PHE B 99 -14.80 -9.08 -5.66
N LEU B 100 -14.13 -8.06 -6.19
CA LEU B 100 -14.81 -7.01 -6.94
C LEU B 100 -14.43 -7.00 -8.42
N GLN B 101 -14.12 -8.18 -8.96
CA GLN B 101 -13.61 -8.30 -10.31
C GLN B 101 -14.65 -8.70 -11.37
N ASN B 102 -15.88 -8.92 -10.92
CA ASN B 102 -17.00 -9.06 -11.86
C ASN B 102 -17.16 -7.77 -12.65
N ASP B 103 -17.49 -7.89 -13.93
CA ASP B 103 -17.56 -6.74 -14.83
C ASP B 103 -18.38 -5.57 -14.26
N TYR B 104 -19.49 -5.90 -13.59
CA TYR B 104 -20.38 -4.89 -13.01
C TYR B 104 -19.83 -4.20 -11.76
N ASP B 105 -18.80 -4.79 -11.15
CA ASP B 105 -18.19 -4.22 -9.94
C ASP B 105 -16.94 -3.40 -10.23
N LYS B 106 -16.39 -3.52 -11.43
CA LYS B 106 -15.19 -2.79 -11.81
C LYS B 106 -15.52 -1.34 -12.15
N PRO B 107 -14.68 -0.39 -11.66
CA PRO B 107 -15.01 1.03 -11.77
C PRO B 107 -14.79 1.62 -13.17
N MET B 108 -15.66 2.56 -13.55
CA MET B 108 -15.58 3.23 -14.84
C MET B 108 -14.23 3.92 -15.07
N ILE B 109 -13.60 4.38 -14.00
CA ILE B 109 -12.29 5.04 -14.11
C ILE B 109 -11.24 4.17 -14.82
N GLU B 110 -11.32 2.86 -14.66
CA GLU B 110 -10.37 1.94 -15.31
C GLU B 110 -10.51 2.01 -16.83
N LYS B 111 -11.75 1.96 -17.32
CA LYS B 111 -12.01 2.03 -18.76
C LYS B 111 -11.58 3.37 -19.36
N ARG B 112 -11.79 4.44 -18.59
CA ARG B 112 -11.45 5.80 -19.02
C ARG B 112 -9.94 6.05 -19.03
N LEU B 113 -9.25 5.54 -18.01
CA LEU B 113 -7.77 5.65 -17.98
C LEU B 113 -7.12 4.84 -19.09
N ALA B 114 -7.69 3.68 -19.41
CA ALA B 114 -7.24 2.88 -20.55
C ALA B 114 -7.41 3.62 -21.87
N LYS B 115 -8.59 4.20 -22.08
CA LYS B 115 -8.86 5.00 -23.28
C LYS B 115 -7.93 6.20 -23.35
N PHE B 116 -7.69 6.82 -22.21
CA PHE B 116 -6.81 7.98 -22.06
C PHE B 116 -5.38 7.72 -22.55
N THR B 117 -4.77 6.64 -22.07
CA THR B 117 -3.38 6.32 -22.39
C THR B 117 -3.24 5.57 -23.72
N GLY B 118 -4.33 4.92 -24.15
CA GLY B 118 -4.31 4.12 -25.37
C GLY B 118 -3.97 2.66 -25.13
N PHE B 119 -3.82 2.28 -23.86
CA PHE B 119 -3.61 0.87 -23.50
C PHE B 119 -4.93 0.09 -23.50
N ASP B 120 -4.85 -1.23 -23.70
CA ASP B 120 -6.05 -2.07 -23.77
C ASP B 120 -6.87 -2.09 -22.49
N GLU B 121 -6.20 -2.29 -21.36
CA GLU B 121 -6.88 -2.45 -20.08
C GLU B 121 -6.12 -1.78 -18.94
N CYS B 122 -6.88 -1.27 -17.97
CA CYS B 122 -6.31 -0.63 -16.79
C CYS B 122 -6.87 -1.29 -15.53
N LEU B 123 -6.02 -1.39 -14.50
CA LEU B 123 -6.44 -1.92 -13.21
C LEU B 123 -6.01 -0.97 -12.09
N LEU B 124 -6.96 -0.59 -11.25
CA LEU B 124 -6.69 0.28 -10.10
C LEU B 124 -5.91 -0.43 -9.00
N SER B 125 -4.99 0.30 -8.37
CA SER B 125 -4.22 -0.18 -7.23
C SER B 125 -4.20 0.87 -6.12
N GLN B 126 -3.82 0.46 -4.91
CA GLN B 126 -3.86 1.34 -3.73
C GLN B 126 -2.72 2.36 -3.71
N SER B 127 -1.69 2.08 -4.51
CA SER B 127 -0.52 2.95 -4.64
C SER B 127 0.26 2.59 -5.90
N GLY B 128 1.10 3.51 -6.36
CA GLY B 128 2.06 3.24 -7.41
C GLY B 128 3.03 2.12 -7.02
N TRP B 129 3.43 2.13 -5.75
CA TRP B 129 4.27 1.07 -5.18
C TRP B 129 3.61 -0.30 -5.38
N ASN B 130 2.35 -0.41 -4.97
CA ASN B 130 1.59 -1.66 -5.11
C ASN B 130 1.36 -2.06 -6.58
N ALA B 131 1.18 -1.06 -7.45
CA ALA B 131 1.02 -1.30 -8.88
C ALA B 131 2.24 -2.03 -9.44
N ASN B 132 3.42 -1.54 -9.09
CA ASN B 132 4.69 -2.12 -9.54
C ASN B 132 4.98 -3.49 -8.92
N VAL B 133 4.84 -3.58 -7.59
CA VAL B 133 5.01 -4.86 -6.89
C VAL B 133 4.03 -5.91 -7.43
N GLY B 134 2.77 -5.50 -7.59
CA GLY B 134 1.72 -6.41 -8.06
C GLY B 134 1.93 -6.92 -9.47
N LEU B 135 2.26 -6.01 -10.38
CA LEU B 135 2.51 -6.39 -11.77
C LEU B 135 3.68 -7.34 -11.88
N LEU B 136 4.79 -7.00 -11.20
CA LEU B 136 5.98 -7.85 -11.26
C LEU B 136 5.76 -9.23 -10.65
N GLN B 137 5.00 -9.30 -9.55
CA GLN B 137 4.67 -10.61 -8.99
C GLN B 137 3.90 -11.48 -10.00
N THR B 138 3.03 -10.84 -10.76
CA THR B 138 2.15 -11.54 -11.70
C THR B 138 2.90 -12.08 -12.93
N ILE B 139 3.85 -11.30 -13.45
CA ILE B 139 4.52 -11.67 -14.71
C ILE B 139 5.88 -12.35 -14.52
N CYS B 140 6.38 -12.40 -13.29
CA CYS B 140 7.67 -13.04 -13.00
C CYS B 140 7.52 -14.45 -12.43
N GLN B 141 8.45 -15.32 -12.81
CA GLN B 141 8.69 -16.60 -12.15
C GLN B 141 10.04 -16.46 -11.45
N PRO B 142 10.36 -17.36 -10.50
CA PRO B 142 11.70 -17.25 -9.92
C PRO B 142 12.76 -17.34 -11.02
N ASN B 143 13.79 -16.50 -10.90
CA ASN B 143 14.89 -16.42 -11.89
C ASN B 143 14.52 -15.84 -13.27
N THR B 144 13.32 -15.25 -13.40
CA THR B 144 12.99 -14.47 -14.60
C THR B 144 13.99 -13.33 -14.73
N ASN B 145 14.51 -13.10 -15.94
CA ASN B 145 15.43 -11.99 -16.17
C ASN B 145 14.71 -10.65 -16.13
N VAL B 146 15.15 -9.79 -15.21
CA VAL B 146 14.61 -8.43 -15.11
C VAL B 146 15.76 -7.46 -15.33
N TYR B 147 15.70 -6.74 -16.45
CA TYR B 147 16.72 -5.77 -16.81
C TYR B 147 16.25 -4.40 -16.38
N ILE B 148 16.90 -3.87 -15.35
CA ILE B 148 16.39 -2.69 -14.66
C ILE B 148 17.42 -1.57 -14.65
N ASP B 149 16.98 -0.36 -15.00
CA ASP B 149 17.85 0.80 -14.97
C ASP B 149 18.33 1.01 -13.55
N PHE B 150 19.62 1.28 -13.38
CA PHE B 150 20.18 1.53 -12.05
C PHE B 150 19.40 2.52 -11.21
N PHE B 151 18.80 3.52 -11.86
CA PHE B 151 18.06 4.57 -11.16
C PHE B 151 16.54 4.40 -11.15
N ALA B 152 16.04 3.27 -11.66
CA ALA B 152 14.60 2.98 -11.65
C ALA B 152 14.07 2.94 -10.21
N HIS B 153 12.79 3.26 -10.05
CA HIS B 153 12.20 3.42 -8.73
C HIS B 153 12.34 2.19 -7.84
N MET B 154 12.56 2.43 -6.55
CA MET B 154 12.70 1.38 -5.55
C MET B 154 11.60 0.32 -5.62
N SER B 155 10.36 0.74 -5.93
CA SER B 155 9.23 -0.18 -6.02
C SER B 155 9.43 -1.24 -7.09
N LEU B 156 10.14 -0.87 -8.16
CA LEU B 156 10.47 -1.79 -9.23
C LEU B 156 11.54 -2.80 -8.81
N TRP B 157 12.59 -2.30 -8.16
CA TRP B 157 13.65 -3.14 -7.60
C TRP B 157 13.10 -4.14 -6.58
N GLU B 158 12.26 -3.63 -5.68
CA GLU B 158 11.62 -4.46 -4.65
C GLU B 158 10.63 -5.46 -5.24
N GLY B 159 9.80 -5.00 -6.17
CA GLY B 159 8.88 -5.87 -6.91
C GLY B 159 9.58 -7.08 -7.49
N ALA B 160 10.71 -6.84 -8.15
CA ALA B 160 11.55 -7.89 -8.69
C ALA B 160 12.07 -8.82 -7.59
N ARG B 161 12.55 -8.24 -6.49
CA ARG B 161 13.11 -9.01 -5.39
C ARG B 161 12.08 -9.91 -4.70
N TYR B 162 10.85 -9.40 -4.52
CA TYR B 162 9.79 -10.16 -3.86
C TYR B 162 9.39 -11.37 -4.70
N ALA B 163 9.46 -11.21 -6.02
CA ALA B 163 9.11 -12.27 -6.97
C ALA B 163 10.26 -13.27 -7.19
N ASN B 164 11.39 -13.02 -6.54
CA ASN B 164 12.60 -13.85 -6.67
C ASN B 164 13.17 -13.90 -8.09
N ALA B 165 12.93 -12.84 -8.87
CA ALA B 165 13.46 -12.75 -10.22
C ALA B 165 14.96 -12.46 -10.19
N GLN B 166 15.62 -12.66 -11.32
CA GLN B 166 17.03 -12.35 -11.46
C GLN B 166 17.18 -10.94 -12.00
N ALA B 167 17.58 -10.02 -11.13
CA ALA B 167 17.72 -8.62 -11.50
C ALA B 167 19.10 -8.31 -12.09
N HIS B 168 19.09 -7.71 -13.28
CA HIS B 168 20.31 -7.31 -13.96
C HIS B 168 20.28 -5.81 -14.18
N PRO B 169 21.03 -5.05 -13.36
CA PRO B 169 21.03 -3.60 -13.51
C PRO B 169 21.81 -3.15 -14.75
N PHE B 170 21.28 -2.17 -15.48
CA PHE B 170 22.07 -1.50 -16.51
C PHE B 170 22.34 -0.05 -16.17
N MET B 171 23.52 0.44 -16.54
CA MET B 171 23.92 1.83 -16.28
C MET B 171 22.87 2.78 -16.81
N HIS B 172 22.68 3.88 -16.11
CA HIS B 172 21.59 4.81 -16.35
C HIS B 172 21.47 5.21 -17.82
N ASN B 173 20.29 4.92 -18.39
CA ASN B 173 19.95 5.25 -19.78
C ASN B 173 20.93 4.70 -20.82
N ASN B 174 21.76 3.75 -20.41
CA ASN B 174 22.79 3.19 -21.28
C ASN B 174 22.27 1.99 -22.07
N CYS B 175 21.87 2.25 -23.31
CA CYS B 175 21.32 1.21 -24.18
C CYS B 175 22.35 0.17 -24.61
N ASP B 176 23.60 0.62 -24.79
CA ASP B 176 24.69 -0.28 -25.14
C ASP B 176 24.92 -1.32 -24.03
N HIS B 177 24.97 -0.85 -22.79
CA HIS B 177 25.10 -1.73 -21.63
C HIS B 177 23.93 -2.72 -21.57
N LEU B 178 22.71 -2.22 -21.72
CA LEU B 178 21.52 -3.06 -21.73
C LEU B 178 21.58 -4.17 -22.78
N ARG B 179 22.02 -3.82 -24.00
CA ARG B 179 22.11 -4.80 -25.09
C ARG B 179 23.01 -5.98 -24.71
N MET B 180 24.15 -5.67 -24.10
CA MET B 180 25.12 -6.70 -23.70
C MET B 180 24.56 -7.64 -22.63
N LEU B 181 23.81 -7.09 -21.70
CA LEU B 181 23.18 -7.90 -20.64
C LEU B 181 22.17 -8.89 -21.18
N ILE B 182 21.32 -8.44 -22.10
CA ILE B 182 20.31 -9.31 -22.72
C ILE B 182 20.98 -10.36 -23.60
N GLN B 183 22.02 -9.95 -24.31
CA GLN B 183 22.84 -10.88 -25.11
C GLN B 183 23.38 -12.02 -24.25
N ARG B 184 23.70 -11.71 -23.01
CA ARG B 184 24.25 -12.70 -22.07
C ARG B 184 23.18 -13.60 -21.44
N HIS B 185 22.09 -13.01 -20.98
CA HIS B 185 21.12 -13.73 -20.15
C HIS B 185 19.84 -14.18 -20.86
N GLY B 186 19.54 -13.57 -21.99
CA GLY B 186 18.38 -13.97 -22.80
C GLY B 186 17.16 -13.11 -22.59
N PRO B 187 15.99 -13.57 -23.07
CA PRO B 187 14.75 -12.79 -23.01
C PRO B 187 14.35 -12.49 -21.57
N GLY B 188 13.92 -11.25 -21.34
CA GLY B 188 13.51 -10.83 -20.01
C GLY B 188 12.59 -9.62 -20.04
N ILE B 189 12.33 -9.06 -18.87
CA ILE B 189 11.53 -7.83 -18.77
C ILE B 189 12.45 -6.63 -18.60
N ILE B 190 12.34 -5.67 -19.52
CA ILE B 190 13.08 -4.42 -19.44
C ILE B 190 12.24 -3.44 -18.63
N VAL B 191 12.82 -2.90 -17.57
CA VAL B 191 12.10 -2.09 -16.60
C VAL B 191 12.74 -0.70 -16.47
N VAL B 192 11.97 0.35 -16.78
CA VAL B 192 12.46 1.73 -16.73
C VAL B 192 11.42 2.69 -16.17
N ASP B 193 11.88 3.83 -15.65
CA ASP B 193 11.01 5.00 -15.44
C ASP B 193 11.03 5.76 -16.76
N SER B 194 9.89 6.35 -17.15
CA SER B 194 9.88 7.26 -18.30
C SER B 194 10.68 8.53 -17.96
N ILE B 195 10.38 9.10 -16.80
CA ILE B 195 11.12 10.21 -16.22
C ILE B 195 11.55 9.81 -14.82
N TYR B 196 12.83 9.97 -14.54
CA TYR B 196 13.42 9.43 -13.31
C TYR B 196 13.18 10.30 -12.09
N SER B 197 12.87 9.64 -10.97
CA SER B 197 12.35 10.30 -9.77
C SER B 197 13.34 11.21 -9.07
N THR B 198 14.64 10.90 -9.13
CA THR B 198 15.64 11.71 -8.45
C THR B 198 16.38 12.71 -9.35
N LEU B 199 16.57 12.33 -10.62
CA LEU B 199 17.40 13.12 -11.55
C LEU B 199 16.60 13.88 -12.60
N GLY B 200 15.36 13.46 -12.84
CA GLY B 200 14.52 14.09 -13.85
C GLY B 200 14.97 13.86 -15.28
N THR B 201 15.87 12.89 -15.47
CA THR B 201 16.28 12.45 -16.80
C THR B 201 15.12 11.72 -17.48
N ILE B 202 15.20 11.61 -18.80
CA ILE B 202 14.18 10.92 -19.59
C ILE B 202 14.78 9.67 -20.23
N ALA B 203 14.07 8.55 -20.10
CA ALA B 203 14.52 7.28 -20.68
C ALA B 203 14.49 7.34 -22.21
N PRO B 204 15.45 6.66 -22.87
CA PRO B 204 15.45 6.58 -24.33
C PRO B 204 14.40 5.57 -24.80
N LEU B 205 13.13 5.93 -24.65
CA LEU B 205 12.02 5.02 -24.84
C LEU B 205 11.94 4.40 -26.24
N ALA B 206 12.22 5.21 -27.26
CA ALA B 206 12.20 4.72 -28.64
C ALA B 206 13.26 3.64 -28.84
N GLU B 207 14.47 3.89 -28.36
CA GLU B 207 15.55 2.91 -28.45
C GLU B 207 15.24 1.65 -27.64
N LEU B 208 14.64 1.82 -26.47
CA LEU B 208 14.23 0.70 -25.62
C LEU B 208 13.18 -0.19 -26.31
N VAL B 209 12.24 0.42 -27.02
CA VAL B 209 11.27 -0.33 -27.81
C VAL B 209 11.99 -1.16 -28.89
N ASN B 210 12.93 -0.52 -29.60
CA ASN B 210 13.75 -1.21 -30.60
C ASN B 210 14.48 -2.41 -30.03
N ILE B 211 15.10 -2.22 -28.86
CA ILE B 211 15.83 -3.30 -28.17
C ILE B 211 14.90 -4.45 -27.75
N SER B 212 13.74 -4.09 -27.20
CA SER B 212 12.73 -5.07 -26.82
C SER B 212 12.35 -5.95 -28.02
N LYS B 213 12.26 -5.33 -29.19
CA LYS B 213 12.02 -6.05 -30.44
C LYS B 213 13.27 -6.83 -30.86
N GLU B 214 14.43 -6.20 -30.75
CA GLU B 214 15.70 -6.80 -31.16
C GLU B 214 16.02 -8.11 -30.44
N PHE B 215 15.49 -8.27 -29.22
CA PHE B 215 15.82 -9.41 -28.38
C PHE B 215 14.64 -10.23 -27.86
N GLY B 216 13.42 -9.83 -28.22
CA GLY B 216 12.22 -10.57 -27.79
C GLY B 216 11.87 -10.41 -26.32
N CYS B 217 12.00 -9.19 -25.82
CA CYS B 217 11.74 -8.88 -24.42
C CYS B 217 10.38 -8.23 -24.23
N ALA B 218 9.95 -8.15 -22.97
CA ALA B 218 8.79 -7.35 -22.60
C ALA B 218 9.28 -6.04 -22.00
N LEU B 219 8.50 -4.98 -22.20
CA LEU B 219 8.88 -3.66 -21.70
C LEU B 219 7.86 -3.17 -20.68
N LEU B 220 8.37 -2.69 -19.54
CA LEU B 220 7.56 -2.12 -18.48
C LEU B 220 8.03 -0.69 -18.23
N VAL B 221 7.14 0.28 -18.43
CA VAL B 221 7.48 1.69 -18.26
C VAL B 221 6.65 2.30 -17.14
N ASP B 222 7.32 2.82 -16.13
CA ASP B 222 6.67 3.52 -15.03
C ASP B 222 6.58 5.02 -15.37
N GLU B 223 5.38 5.48 -15.72
CA GLU B 223 5.17 6.87 -16.13
C GLU B 223 4.69 7.80 -15.00
N SER B 224 5.05 7.49 -13.75
CA SER B 224 4.63 8.31 -12.61
C SER B 224 4.94 9.80 -12.77
N HIS B 225 6.06 10.11 -13.39
CA HIS B 225 6.47 11.52 -13.52
C HIS B 225 6.24 12.16 -14.89
N SER B 226 5.59 11.43 -15.79
CA SER B 226 5.25 11.94 -17.11
C SER B 226 3.74 11.93 -17.39
N LEU B 227 3.01 11.03 -16.73
CA LEU B 227 1.56 10.96 -16.90
C LEU B 227 0.93 12.26 -16.40
N GLY B 228 0.17 12.92 -17.28
CA GLY B 228 -0.49 14.18 -16.92
C GLY B 228 0.29 15.42 -17.32
N THR B 229 1.63 15.34 -17.25
CA THR B 229 2.49 16.48 -17.60
C THR B 229 2.97 16.47 -19.05
N HIS B 230 2.97 15.29 -19.67
CA HIS B 230 3.54 15.10 -21.00
C HIS B 230 2.55 14.46 -21.95
N GLY B 231 2.74 14.66 -23.26
CA GLY B 231 1.94 14.00 -24.28
C GLY B 231 0.64 14.72 -24.61
N PRO B 232 -0.10 14.23 -25.62
CA PRO B 232 -1.38 14.83 -26.01
C PRO B 232 -2.41 14.71 -24.90
N ASN B 233 -2.96 15.85 -24.46
CA ASN B 233 -3.92 15.90 -23.34
C ASN B 233 -3.36 15.32 -22.04
N GLY B 234 -2.04 15.25 -21.93
CA GLY B 234 -1.37 14.68 -20.77
C GLY B 234 -1.35 13.16 -20.73
N ALA B 235 -1.55 12.52 -21.88
CA ALA B 235 -1.62 11.06 -21.95
C ALA B 235 -0.29 10.34 -21.66
N GLY B 236 0.80 11.11 -21.60
CA GLY B 236 2.10 10.57 -21.21
C GLY B 236 3.15 10.57 -22.30
N LEU B 237 4.36 10.13 -21.94
CA LEU B 237 5.50 10.17 -22.85
C LEU B 237 5.42 9.11 -23.94
N LEU B 238 4.90 7.92 -23.61
CA LEU B 238 4.68 6.88 -24.61
C LEU B 238 3.70 7.37 -25.68
N ALA B 239 2.63 8.04 -25.24
CA ALA B 239 1.68 8.63 -26.17
C ALA B 239 2.31 9.77 -26.98
N GLU B 240 3.15 10.59 -26.34
CA GLU B 240 3.85 11.69 -27.00
C GLU B 240 4.71 11.18 -28.16
N LEU B 241 5.39 10.06 -27.93
CA LEU B 241 6.34 9.49 -28.89
C LEU B 241 5.71 8.44 -29.82
N GLY B 242 4.40 8.21 -29.66
CA GLY B 242 3.66 7.26 -30.48
C GLY B 242 4.11 5.81 -30.32
N LEU B 243 4.53 5.44 -29.11
CA LEU B 243 5.06 4.11 -28.82
C LEU B 243 4.07 3.21 -28.08
N THR B 244 2.91 3.77 -27.74
CA THR B 244 1.89 3.09 -26.94
C THR B 244 1.63 1.64 -27.34
N ARG B 245 1.43 1.40 -28.64
CA ARG B 245 1.05 0.07 -29.13
C ARG B 245 2.21 -0.92 -29.19
N GLU B 246 3.42 -0.45 -28.88
CA GLU B 246 4.59 -1.32 -28.91
C GLU B 246 5.13 -1.63 -27.51
N VAL B 247 4.41 -1.17 -26.48
CA VAL B 247 4.81 -1.37 -25.10
C VAL B 247 3.83 -2.33 -24.43
N HIS B 248 4.37 -3.31 -23.71
CA HIS B 248 3.56 -4.36 -23.10
C HIS B 248 2.81 -3.87 -21.85
N PHE B 249 3.52 -3.11 -21.01
CA PHE B 249 3.02 -2.67 -19.70
C PHE B 249 3.41 -1.22 -19.40
N MET B 250 2.48 -0.47 -18.83
CA MET B 250 2.83 0.80 -18.18
C MET B 250 2.18 0.89 -16.80
N THR B 251 2.88 1.52 -15.87
CA THR B 251 2.35 1.71 -14.52
C THR B 251 2.52 3.17 -14.13
N ALA B 252 1.80 3.58 -13.10
CA ALA B 252 1.95 4.92 -12.57
C ALA B 252 1.36 5.03 -11.19
N SER B 253 2.03 5.82 -10.36
CA SER B 253 1.42 6.37 -9.18
C SER B 253 0.41 7.42 -9.65
N LEU B 254 -0.74 7.47 -9.00
CA LEU B 254 -1.70 8.54 -9.26
C LEU B 254 -1.55 9.65 -8.21
N ALA B 255 -0.47 9.56 -7.43
CA ALA B 255 -0.16 10.52 -6.36
C ALA B 255 0.79 11.64 -6.78
N LYS B 256 1.03 11.74 -8.08
CA LYS B 256 1.86 12.81 -8.62
C LYS B 256 0.92 13.82 -9.27
N THR B 257 0.86 13.86 -10.60
CA THR B 257 -0.04 14.78 -11.30
C THR B 257 -1.52 14.54 -10.97
N PHE B 258 -1.91 13.29 -10.78
CA PHE B 258 -3.31 12.97 -10.44
C PHE B 258 -3.68 13.33 -9.00
N ALA B 259 -2.69 13.68 -8.19
CA ALA B 259 -2.88 14.20 -6.84
C ALA B 259 -3.80 13.33 -5.99
N TYR B 260 -3.62 12.01 -6.08
CA TYR B 260 -4.45 11.09 -5.30
C TYR B 260 -3.70 9.86 -4.84
N ARG B 261 -4.06 9.37 -3.66
CA ARG B 261 -3.38 8.23 -3.06
C ARG B 261 -3.83 6.91 -3.71
N ALA B 262 -3.27 6.64 -4.88
CA ALA B 262 -3.59 5.43 -5.65
C ALA B 262 -2.51 5.16 -6.69
N GLY B 263 -2.69 4.07 -7.43
CA GLY B 263 -1.81 3.71 -8.53
C GLY B 263 -2.60 2.98 -9.59
N ALA B 264 -1.96 2.68 -10.72
CA ALA B 264 -2.63 1.94 -11.77
C ALA B 264 -1.67 1.11 -12.62
N ILE B 265 -2.18 -0.02 -13.11
CA ILE B 265 -1.45 -0.89 -14.03
C ILE B 265 -2.19 -0.89 -15.36
N TRP B 266 -1.48 -0.58 -16.44
CA TRP B 266 -2.00 -0.69 -17.80
C TRP B 266 -1.31 -1.84 -18.55
N CYS B 267 -2.11 -2.62 -19.28
CA CYS B 267 -1.62 -3.75 -20.06
C CYS B 267 -2.15 -3.72 -21.50
N ASN B 268 -1.28 -4.07 -22.44
CA ASN B 268 -1.70 -4.30 -23.83
C ASN B 268 -1.84 -5.80 -24.11
N ASN B 269 -2.50 -6.47 -23.17
CA ASN B 269 -2.62 -7.92 -23.12
C ASN B 269 -3.59 -8.27 -21.98
N GLU B 270 -3.69 -9.56 -21.67
CA GLU B 270 -4.66 -10.06 -20.68
C GLU B 270 -4.15 -10.11 -19.22
N VAL B 271 -2.97 -9.59 -18.96
CA VAL B 271 -2.34 -9.69 -17.62
C VAL B 271 -3.19 -9.08 -16.49
N ASN B 272 -3.90 -8.00 -16.77
CA ASN B 272 -4.77 -7.38 -15.75
C ASN B 272 -5.98 -8.22 -15.35
N ARG B 273 -6.28 -9.27 -16.12
CA ARG B 273 -7.28 -10.26 -15.72
C ARG B 273 -6.77 -11.08 -14.55
N CYS B 274 -5.44 -11.22 -14.45
CA CYS B 274 -4.81 -12.13 -13.51
C CYS B 274 -4.26 -11.45 -12.26
N VAL B 275 -3.72 -10.24 -12.43
CA VAL B 275 -3.14 -9.47 -11.31
C VAL B 275 -3.99 -9.48 -10.02
N PRO B 276 -5.31 -9.24 -10.12
CA PRO B 276 -6.13 -9.15 -8.90
C PRO B 276 -6.17 -10.42 -8.05
N PHE B 277 -5.79 -11.56 -8.63
CA PHE B 277 -5.85 -12.83 -7.93
C PHE B 277 -4.46 -13.38 -7.62
N ILE B 278 -3.43 -12.64 -8.02
CA ILE B 278 -2.06 -13.09 -7.86
C ILE B 278 -1.25 -12.15 -6.96
N SER B 279 -1.34 -10.85 -7.22
CA SER B 279 -0.62 -9.84 -6.46
C SER B 279 -1.03 -9.85 -4.99
N TYR B 280 -0.08 -10.03 -4.09
CA TYR B 280 -0.40 -10.06 -2.66
C TYR B 280 -1.02 -8.75 -2.15
N PRO B 281 -0.40 -7.58 -2.47
CA PRO B 281 -1.05 -6.32 -2.11
C PRO B 281 -2.47 -6.16 -2.69
N ALA B 282 -2.70 -6.69 -3.89
CA ALA B 282 -4.03 -6.65 -4.50
C ALA B 282 -5.03 -7.58 -3.81
N ILE B 283 -4.53 -8.73 -3.33
CA ILE B 283 -5.36 -9.70 -2.63
C ILE B 283 -5.60 -9.30 -1.18
N PHE B 284 -4.53 -9.02 -0.45
CA PHE B 284 -4.58 -8.95 1.01
C PHE B 284 -4.68 -7.55 1.60
N SER B 285 -4.72 -6.55 0.73
CA SER B 285 -4.91 -5.17 1.14
C SER B 285 -6.23 -4.61 0.58
N SER B 286 -6.92 -3.82 1.39
CA SER B 286 -8.27 -3.33 1.07
C SER B 286 -8.32 -2.47 -0.18
N THR B 287 -9.44 -2.56 -0.88
CA THR B 287 -9.66 -1.86 -2.15
C THR B 287 -9.85 -0.35 -1.93
N LEU B 288 -9.59 0.44 -2.97
CA LEU B 288 -10.09 1.82 -3.02
C LEU B 288 -11.60 1.77 -2.92
N LEU B 289 -12.18 2.70 -2.17
CA LEU B 289 -13.63 2.80 -2.06
C LEU B 289 -14.22 3.46 -3.32
N PRO B 290 -15.47 3.11 -3.68
CA PRO B 290 -16.11 3.62 -4.91
C PRO B 290 -16.07 5.14 -5.07
N TYR B 291 -16.23 5.90 -3.99
CA TYR B 291 -16.19 7.36 -4.10
C TYR B 291 -14.82 7.89 -4.51
N GLU B 292 -13.77 7.14 -4.16
CA GLU B 292 -12.41 7.50 -4.54
C GLU B 292 -12.25 7.41 -6.06
N ALA B 293 -12.77 6.34 -6.63
CA ALA B 293 -12.76 6.13 -8.09
C ALA B 293 -13.47 7.25 -8.84
N ALA B 294 -14.58 7.72 -8.27
CA ALA B 294 -15.36 8.83 -8.86
C ALA B 294 -14.56 10.14 -8.89
N GLY B 295 -13.85 10.44 -7.81
CA GLY B 295 -12.97 11.61 -7.74
C GLY B 295 -11.90 11.61 -8.82
N LEU B 296 -11.35 10.43 -9.09
CA LEU B 296 -10.34 10.27 -10.15
C LEU B 296 -10.89 10.59 -11.54
N GLU B 297 -12.18 10.35 -11.75
CA GLU B 297 -12.82 10.66 -13.03
C GLU B 297 -12.81 12.16 -13.35
N THR B 298 -13.10 12.96 -12.33
CA THR B 298 -13.01 14.42 -12.45
C THR B 298 -11.58 14.90 -12.63
N THR B 299 -10.65 14.32 -11.86
CA THR B 299 -9.23 14.65 -11.99
C THR B 299 -8.76 14.43 -13.42
N LEU B 300 -9.16 13.31 -14.01
CA LEU B 300 -8.80 12.97 -15.38
C LEU B 300 -9.31 14.02 -16.37
N GLU B 301 -10.57 14.44 -16.20
CA GLU B 301 -11.15 15.46 -17.07
C GLU B 301 -10.42 16.79 -16.98
N ILE B 302 -10.02 17.17 -15.77
CA ILE B 302 -9.27 18.42 -15.57
C ILE B 302 -7.88 18.33 -16.20
N ILE B 303 -7.23 17.18 -16.03
CA ILE B 303 -5.92 16.95 -16.62
C ILE B 303 -5.98 16.99 -18.15
N GLU B 304 -6.99 16.36 -18.73
CA GLU B 304 -7.15 16.33 -20.19
C GLU B 304 -7.20 17.73 -20.79
N SER B 305 -7.78 18.68 -20.06
CA SER B 305 -7.96 20.05 -20.53
C SER B 305 -6.84 21.01 -20.09
N ALA B 306 -5.91 20.52 -19.27
CA ALA B 306 -4.88 21.36 -18.67
C ALA B 306 -3.69 21.66 -19.59
N ASP B 307 -3.97 21.97 -20.85
CA ASP B 307 -2.92 22.32 -21.82
C ASP B 307 -2.12 23.54 -21.37
N ASN B 308 -2.81 24.54 -20.84
CA ASN B 308 -2.19 25.77 -20.34
C ASN B 308 -1.15 25.54 -19.25
N ARG B 309 -1.52 24.75 -18.24
CA ARG B 309 -0.63 24.45 -17.11
C ARG B 309 0.60 23.64 -17.52
N ARG B 310 0.41 22.73 -18.46
CA ARG B 310 1.50 21.87 -18.96
C ARG B 310 2.56 22.69 -19.69
N GLN B 311 2.10 23.65 -20.49
CA GLN B 311 2.98 24.51 -21.27
C GLN B 311 3.79 25.45 -20.38
N HIS B 312 3.13 26.05 -19.38
CA HIS B 312 3.80 26.93 -18.43
C HIS B 312 4.84 26.16 -17.62
N LEU B 313 4.48 24.97 -17.16
CA LEU B 313 5.42 24.12 -16.43
C LEU B 313 6.64 23.80 -17.27
N ASP B 314 6.41 23.40 -18.51
CA ASP B 314 7.47 23.07 -19.48
C ASP B 314 8.43 24.25 -19.66
N ARG B 315 7.87 25.44 -19.83
CA ARG B 315 8.66 26.66 -20.03
C ARG B 315 9.47 27.05 -18.80
N MET B 316 8.84 27.02 -17.62
CA MET B 316 9.53 27.32 -16.36
C MET B 316 10.64 26.31 -16.07
N ALA B 317 10.38 25.04 -16.36
CA ALA B 317 11.36 23.96 -16.15
C ALA B 317 12.60 24.17 -17.02
N ARG B 318 12.37 24.49 -18.30
CA ARG B 318 13.46 24.75 -19.24
C ARG B 318 14.30 25.95 -18.79
N LYS B 319 13.63 27.02 -18.36
CA LYS B 319 14.31 28.21 -17.84
C LYS B 319 15.22 27.89 -16.65
N LEU B 320 14.70 27.12 -15.70
CA LEU B 320 15.49 26.73 -14.52
C LEU B 320 16.69 25.85 -14.91
N ARG B 321 16.47 24.87 -15.78
CA ARG B 321 17.54 23.98 -16.24
C ARG B 321 18.66 24.74 -16.94
N ILE B 322 18.29 25.64 -17.84
CA ILE B 322 19.25 26.49 -18.55
C ILE B 322 20.00 27.38 -17.57
N GLY B 323 19.25 28.04 -16.67
CA GLY B 323 19.81 28.94 -15.67
C GLY B 323 20.82 28.31 -14.75
N LEU B 324 20.53 27.09 -14.29
CA LEU B 324 21.42 26.38 -13.37
C LEU B 324 22.63 25.77 -14.07
N SER B 325 22.43 25.25 -15.28
CA SER B 325 23.51 24.70 -16.09
C SER B 325 24.57 25.75 -16.42
N GLN B 326 24.13 27.00 -16.62
CA GLN B 326 25.03 28.14 -16.87
C GLN B 326 25.99 28.39 -15.71
N LEU B 327 25.55 28.06 -14.49
CA LEU B 327 26.36 28.25 -13.29
C LEU B 327 27.46 27.18 -13.16
N GLY B 328 27.46 26.20 -14.07
CA GLY B 328 28.44 25.12 -14.05
C GLY B 328 27.96 23.93 -13.23
N LEU B 329 26.71 23.97 -12.79
CA LEU B 329 26.10 22.88 -12.03
C LEU B 329 25.77 21.72 -12.96
N THR B 330 26.00 20.50 -12.48
CA THR B 330 25.55 19.29 -13.18
C THR B 330 24.05 19.20 -13.05
N ILE B 331 23.35 19.43 -14.16
CA ILE B 331 21.89 19.31 -14.23
C ILE B 331 21.56 18.30 -15.31
N ARG B 332 21.30 17.07 -14.89
CA ARG B 332 21.04 15.98 -15.83
C ARG B 332 19.59 16.00 -16.33
N SER B 333 18.73 16.68 -15.58
CA SER B 333 17.29 16.77 -15.87
C SER B 333 16.93 17.20 -17.29
N GLU B 334 15.82 16.66 -17.78
CA GLU B 334 15.20 17.10 -19.04
C GLU B 334 13.71 17.36 -18.79
N SER B 335 13.36 17.62 -17.53
CA SER B 335 11.95 17.67 -17.10
C SER B 335 11.74 18.66 -15.95
N GLN B 336 10.58 18.55 -15.29
CA GLN B 336 10.18 19.42 -14.19
C GLN B 336 10.81 19.01 -12.84
N ILE B 337 11.55 17.91 -12.85
CA ILE B 337 12.29 17.43 -11.68
C ILE B 337 13.76 17.78 -11.87
N ILE B 338 14.31 18.59 -10.97
CA ILE B 338 15.70 19.04 -11.07
C ILE B 338 16.50 18.55 -9.88
N GLY B 339 17.58 17.83 -10.15
CA GLY B 339 18.40 17.27 -9.08
C GLY B 339 19.72 17.99 -8.89
N LEU B 340 19.84 18.69 -7.76
CA LEU B 340 21.12 19.26 -7.34
C LEU B 340 21.90 18.14 -6.68
N GLU B 341 23.07 17.82 -7.25
CA GLU B 341 23.86 16.69 -6.78
C GLU B 341 24.86 17.17 -5.72
N THR B 342 24.60 16.78 -4.47
CA THR B 342 25.27 17.37 -3.31
C THR B 342 26.23 16.42 -2.57
N GLY B 343 26.61 15.32 -3.21
CA GLY B 343 27.61 14.41 -2.66
C GLY B 343 27.27 13.78 -1.31
N ASP B 344 28.19 13.92 -0.37
CA ASP B 344 28.08 13.28 0.95
C ASP B 344 27.03 13.93 1.84
N GLU B 345 26.64 13.22 2.91
CA GLU B 345 25.56 13.67 3.80
C GLU B 345 25.89 14.97 4.54
N ARG B 346 27.14 15.11 4.98
CA ARG B 346 27.58 16.31 5.69
C ARG B 346 27.47 17.54 4.79
N ASN B 347 27.94 17.40 3.55
CA ASN B 347 27.84 18.44 2.54
C ASN B 347 26.40 18.75 2.15
N THR B 348 25.57 17.71 2.07
CA THR B 348 24.15 17.84 1.75
C THR B 348 23.41 18.64 2.84
N GLU B 349 23.82 18.44 4.09
CA GLU B 349 23.28 19.21 5.22
C GLU B 349 23.58 20.71 5.06
N LYS B 350 24.79 21.01 4.57
CA LYS B 350 25.22 22.39 4.36
C LYS B 350 24.42 23.05 3.24
N VAL B 351 24.31 22.37 2.11
CA VAL B 351 23.58 22.87 0.94
C VAL B 351 22.11 23.10 1.31
N ARG B 352 21.51 22.13 1.99
CA ARG B 352 20.13 22.22 2.45
C ARG B 352 19.93 23.44 3.35
N ASP B 353 20.81 23.59 4.35
CA ASP B 353 20.73 24.71 5.28
C ASP B 353 20.85 26.06 4.60
N TYR B 354 21.74 26.16 3.61
CA TYR B 354 21.92 27.38 2.85
C TYR B 354 20.68 27.72 2.02
N LEU B 355 20.18 26.73 1.27
CA LEU B 355 19.01 26.94 0.41
C LEU B 355 17.77 27.31 1.20
N GLU B 356 17.54 26.62 2.33
CA GLU B 356 16.39 26.88 3.19
C GLU B 356 16.49 28.24 3.87
N SER B 357 17.71 28.62 4.24
CA SER B 357 17.98 29.95 4.82
C SER B 357 17.62 31.09 3.87
N ASN B 358 17.78 30.83 2.57
CA ASN B 358 17.48 31.82 1.54
C ASN B 358 16.12 31.60 0.86
N GLY B 359 15.28 30.76 1.47
CA GLY B 359 13.90 30.59 1.04
C GLY B 359 13.65 29.63 -0.11
N VAL B 360 14.55 28.66 -0.29
CA VAL B 360 14.39 27.63 -1.31
C VAL B 360 14.29 26.27 -0.62
N PHE B 361 13.12 25.64 -0.72
CA PHE B 361 12.84 24.39 -0.04
C PHE B 361 12.64 23.24 -1.01
N GLY B 362 13.71 22.47 -1.23
CA GLY B 362 13.64 21.26 -2.03
C GLY B 362 13.48 20.04 -1.13
N SER B 363 13.59 18.85 -1.72
CA SER B 363 13.52 17.61 -0.95
C SER B 363 14.85 16.88 -0.92
N VAL B 364 15.35 16.64 0.28
CA VAL B 364 16.58 15.88 0.48
C VAL B 364 16.34 14.41 0.15
N PHE B 365 17.04 13.92 -0.86
CA PHE B 365 17.05 12.51 -1.20
C PHE B 365 18.37 11.89 -0.77
N CYS B 366 18.29 11.09 0.29
CA CYS B 366 19.42 10.37 0.85
C CYS B 366 19.10 8.88 0.92
N ARG B 367 20.00 8.10 1.49
CA ARG B 367 19.79 6.66 1.65
C ARG B 367 18.51 6.39 2.45
N PRO B 368 17.78 5.31 2.13
CA PRO B 368 18.04 4.29 1.09
C PRO B 368 17.65 4.67 -0.35
N ALA B 369 17.18 5.90 -0.56
CA ALA B 369 16.80 6.36 -1.91
C ALA B 369 18.02 6.58 -2.82
N THR B 370 19.15 6.95 -2.21
CA THR B 370 20.42 7.10 -2.94
C THR B 370 21.52 6.34 -2.21
N SER B 371 22.70 6.27 -2.82
CA SER B 371 23.90 5.80 -2.12
C SER B 371 24.37 6.88 -1.15
N LYS B 372 25.07 6.46 -0.11
CA LYS B 372 25.47 7.34 1.00
C LYS B 372 26.21 8.61 0.57
N ASN B 373 27.02 8.51 -0.47
CA ASN B 373 27.85 9.63 -0.92
C ASN B 373 27.37 10.31 -2.21
N LYS B 374 26.14 10.00 -2.64
CA LYS B 374 25.57 10.60 -3.84
C LYS B 374 24.15 11.10 -3.59
N ASN B 375 24.01 11.94 -2.58
CA ASN B 375 22.72 12.51 -2.19
C ASN B 375 22.25 13.60 -3.17
N ILE B 376 20.94 13.77 -3.24
CA ILE B 376 20.34 14.73 -4.16
C ILE B 376 19.38 15.64 -3.39
N ILE B 377 19.48 16.95 -3.60
CA ILE B 377 18.40 17.84 -3.19
C ILE B 377 17.51 18.06 -4.41
N ARG B 378 16.31 17.49 -4.36
CA ARG B 378 15.40 17.50 -5.50
C ARG B 378 14.47 18.70 -5.48
N LEU B 379 14.52 19.48 -6.56
CA LEU B 379 13.59 20.57 -6.75
C LEU B 379 12.48 20.09 -7.71
N SER B 380 11.27 19.99 -7.18
CA SER B 380 10.10 19.58 -7.96
C SER B 380 9.31 20.82 -8.35
N LEU B 381 9.29 21.14 -9.64
CA LEU B 381 8.52 22.28 -10.13
C LEU B 381 7.06 21.92 -10.38
N ASN B 382 6.19 22.90 -10.16
CA ASN B 382 4.78 22.75 -10.49
C ASN B 382 4.29 23.98 -11.24
N SER B 383 3.10 23.89 -11.83
CA SER B 383 2.58 24.96 -12.70
C SER B 383 2.19 26.28 -12.00
N ASP B 384 2.23 26.29 -10.67
CA ASP B 384 2.00 27.52 -9.89
C ASP B 384 3.26 28.36 -9.71
N VAL B 385 4.43 27.76 -9.99
CA VAL B 385 5.69 28.48 -9.92
C VAL B 385 5.78 29.49 -11.08
N ASN B 386 6.13 30.73 -10.76
CA ASN B 386 6.19 31.80 -11.75
C ASN B 386 7.61 32.24 -12.09
N ASP B 387 7.73 33.13 -13.08
CA ASP B 387 9.02 33.65 -13.57
C ASP B 387 9.91 34.24 -12.48
N GLU B 388 9.31 35.00 -11.57
CA GLU B 388 10.04 35.64 -10.47
C GLU B 388 10.69 34.60 -9.55
N GLN B 389 9.93 33.58 -9.19
CA GLN B 389 10.43 32.51 -8.33
C GLN B 389 11.56 31.72 -8.99
N ILE B 390 11.41 31.45 -10.29
CA ILE B 390 12.45 30.79 -11.09
C ILE B 390 13.75 31.61 -11.04
N ALA B 391 13.61 32.93 -11.24
CA ALA B 391 14.76 33.85 -11.17
C ALA B 391 15.42 33.83 -9.80
N LYS B 392 14.61 33.77 -8.74
CA LYS B 392 15.14 33.73 -7.37
C LYS B 392 15.92 32.44 -7.10
N ILE B 393 15.43 31.31 -7.60
CA ILE B 393 16.10 30.02 -7.42
C ILE B 393 17.50 30.03 -8.06
N ILE B 394 17.60 30.55 -9.27
CA ILE B 394 18.89 30.68 -9.97
C ILE B 394 19.81 31.61 -9.18
N GLU B 395 19.26 32.71 -8.68
CA GLU B 395 20.00 33.69 -7.87
C GLU B 395 20.55 33.09 -6.57
N VAL B 396 19.71 32.31 -5.87
CA VAL B 396 20.11 31.63 -4.64
C VAL B 396 21.20 30.59 -4.91
N CYS B 397 21.04 29.85 -6.00
CA CYS B 397 22.02 28.83 -6.39
C CYS B 397 23.35 29.42 -6.88
N SER B 398 23.29 30.61 -7.47
CA SER B 398 24.48 31.32 -7.93
C SER B 398 25.35 31.75 -6.75
N ASP B 399 24.70 32.31 -5.73
CA ASP B 399 25.37 32.69 -4.49
C ASP B 399 25.91 31.47 -3.74
N ALA B 400 25.22 30.34 -3.87
CA ALA B 400 25.64 29.07 -3.27
C ALA B 400 26.91 28.53 -3.94
N VAL B 401 26.98 28.67 -5.26
CA VAL B 401 28.15 28.24 -6.03
C VAL B 401 29.38 29.09 -5.69
N ASN B 402 29.19 30.41 -5.66
CA ASN B 402 30.29 31.36 -5.48
C ASN B 402 30.72 31.60 -4.03
N TYR B 403 29.75 31.71 -3.13
CA TYR B 403 30.04 32.09 -1.74
C TYR B 403 29.82 30.97 -0.72
N GLY B 404 29.21 29.88 -1.16
CA GLY B 404 28.88 28.76 -0.26
C GLY B 404 30.08 27.91 0.12
N ASP B 405 30.18 27.60 1.41
CA ASP B 405 31.24 26.73 1.93
C ASP B 405 30.88 25.25 1.75
N PHE B 406 30.61 24.89 0.50
CA PHE B 406 30.22 23.53 0.12
C PHE B 406 30.40 23.32 -1.39
N TYR B 407 30.36 22.06 -1.81
CA TYR B 407 30.53 21.72 -3.21
C TYR B 407 29.27 21.17 -3.86
N PHE B 408 29.32 21.02 -5.18
CA PHE B 408 28.27 20.36 -5.95
C PHE B 408 28.91 19.35 -6.89
N ARG B 409 28.38 18.11 -6.87
CA ARG B 409 28.88 17.04 -7.74
C ARG B 409 28.54 17.28 -9.20
N1 PLP C . -4.05 -7.81 9.19
C2 PLP C . -5.19 -8.59 9.10
C2A PLP C . -5.43 -9.63 10.17
C3 PLP C . -6.08 -8.41 8.04
O3 PLP C . -7.21 -9.18 7.94
C4 PLP C . -5.83 -7.46 7.05
C4A PLP C . -6.33 -7.81 5.68
O4A PLP C . -6.85 -6.98 4.92
C5 PLP C . -4.68 -6.67 7.16
C6 PLP C . -3.80 -6.85 8.23
C5A PLP C . -4.37 -5.61 6.13
O4P PLP C . -5.43 -4.69 6.09
P PLP C . -5.48 -3.49 5.02
O1P PLP C . -6.63 -3.81 4.11
O2P PLP C . -4.18 -3.42 4.25
O3P PLP C . -5.72 -2.20 5.76
MG MG D . -8.89 -10.08 5.98
S SO4 E . -5.14 -3.72 5.00
O1 SO4 E . -4.78 -4.60 6.10
O2 SO4 E . -6.25 -4.32 4.26
O3 SO4 E . -5.54 -2.43 5.55
O4 SO4 E . -3.96 -3.58 4.14
S1 DTT F . -8.79 -12.51 -0.02
C1 DTT F . -9.03 -14.31 -0.10
C2 DTT F . -9.25 -14.82 -1.52
O2 DTT F . -9.71 -16.15 -1.48
C3 DTT F . -7.98 -14.76 -2.36
O3 DTT F . -7.06 -15.73 -1.91
C4 DTT F . -8.37 -15.00 -3.81
S4 DTT F . -7.01 -14.87 -5.00
S SO4 G . 3.01 5.88 -4.53
O1 SO4 G . 3.30 4.64 -4.03
O2 SO4 G . 3.96 6.13 -5.42
O3 SO4 G . 1.83 5.97 -5.22
O4 SO4 G . 3.19 6.84 -3.66
N1 PLP H . 6.97 5.09 -9.40
C2 PLP H . 7.71 6.26 -9.28
C2A PLP H . 8.61 6.65 -10.40
C3 PLP H . 7.59 7.03 -8.12
O3 PLP H . 8.31 8.19 -7.97
C4 PLP H . 6.74 6.62 -7.08
C4A PLP H . 7.11 7.07 -5.70
O4A PLP H . 6.39 7.82 -5.05
C5 PLP H . 6.02 5.44 -7.22
C6 PLP H . 6.13 4.68 -8.39
C5A PLP H . 5.09 4.97 -6.14
O4P PLP H . 4.13 5.96 -5.87
P PLP H . 3.09 5.86 -4.66
O1P PLP H . 3.36 7.01 -3.72
O2P PLP H . 3.21 4.55 -3.92
O3P PLP H . 1.70 6.02 -5.24
MG MG I . 8.98 9.93 -6.17
S1 DTT J . 11.85 9.93 -0.06
C1 DTT J . 13.64 10.15 0.00
C2 DTT J . 14.17 10.48 1.39
O2 DTT J . 15.46 11.05 1.30
C3 DTT J . 14.23 9.24 2.28
O3 DTT J . 15.34 8.44 1.92
C4 DTT J . 14.31 9.62 3.76
S4 DTT J . 14.55 8.21 4.87
#